data_5FXF
#
_entry.id   5FXF
#
_cell.length_a   57.290
_cell.length_b   96.870
_cell.length_c   179.660
_cell.angle_alpha   90.00
_cell.angle_beta   90.00
_cell.angle_gamma   90.00
#
_symmetry.space_group_name_H-M   'P 21 21 21'
#
loop_
_entity.id
_entity.type
_entity.pdbx_description
1 polymer 'EUGENOL OXIDASE'
2 non-polymer 'FLAVIN-ADENINE DINUCLEOTIDE'
3 non-polymer 'BENZOIC ACID'
4 non-polymer GLYCEROL
5 water water
#
_entity_poly.entity_id   1
_entity_poly.type   'polypeptide(L)'
_entity_poly.pdbx_seq_one_letter_code
;MTRTLPPGVSDERFDAALQRFRDVVGDKWVLSTADELEAFRDPYPVGAAEANLPSAVVSPESTEQVQDIVRIANEYGIPL
SPVSTGKNNGYGGAAPRLSGSVIVKTGERMNRILEVNEKYGYALLEPGVTYFDLYEYLQSHDSGLMLDCPDLGWGSVVGN
TLDRGVGYTPYGDHFMWQTGLEVVLPQGEVMRTGMGALPGSDAWQLFPYGFGPFPDGMFTQSNLGIVTKMGIALMQRPPA
SQSFLITFDKEEDLEQIVDIMLPLRINMAPLQNVPVLRNIFMDAAAVSKRTEWFDGDGPMPAEAIERMKKDLDLGFWNFY
GTLYGPPPLIEMYYGMIKEAFGKIPGARFFTHEERDDRGGHVLQDRHKINNGIPSLDELQLLDWVPNGGHIGFSPVSAPD
GREAMKQFEMVRNRANEYNKDYAAQFIIGLREMHHVCLFIYDTAIPEAREEILQMTKVLVREAAEAGYGEYRTHNALMDD
VMATFNWGDGALLKFHEKIKDALDPNGIIAPGKSGIWSQRFRGQNL
;
_entity_poly.pdbx_strand_id   A,B
#
# COMPACT_ATOMS: atom_id res chain seq x y z
N THR A 2 18.34 37.72 -16.85
CA THR A 2 16.93 38.15 -16.71
C THR A 2 16.41 37.55 -15.37
N ARG A 3 15.59 38.32 -14.66
CA ARG A 3 14.84 37.82 -13.53
C ARG A 3 14.05 36.56 -13.95
N THR A 4 14.08 35.50 -13.16
CA THR A 4 13.20 34.35 -13.43
C THR A 4 11.77 34.67 -12.96
N LEU A 5 10.78 34.44 -13.83
CA LEU A 5 9.41 34.86 -13.56
C LEU A 5 8.57 33.68 -13.86
N PRO A 6 7.43 33.48 -13.16
CA PRO A 6 6.45 32.40 -13.50
C PRO A 6 5.88 32.58 -14.92
N PRO A 7 5.63 31.49 -15.67
CA PRO A 7 5.14 31.73 -17.02
C PRO A 7 3.87 32.56 -17.06
N GLY A 8 3.90 33.56 -17.95
CA GLY A 8 2.76 34.39 -18.18
C GLY A 8 2.54 35.40 -17.09
N VAL A 9 3.45 35.56 -16.13
CA VAL A 9 3.20 36.46 -15.00
C VAL A 9 4.18 37.63 -15.14
N SER A 10 3.66 38.86 -15.02
CA SER A 10 4.52 40.05 -15.16
C SER A 10 5.36 40.35 -13.93
N ASP A 11 6.39 41.16 -14.13
CA ASP A 11 7.21 41.68 -13.05
C ASP A 11 6.34 42.31 -11.96
N GLU A 12 5.33 43.08 -12.37
CA GLU A 12 4.51 43.84 -11.41
C GLU A 12 3.61 42.88 -10.66
N ARG A 13 3.01 41.91 -11.35
CA ARG A 13 2.16 40.95 -10.66
C ARG A 13 2.99 40.03 -9.70
N PHE A 14 4.17 39.63 -10.13
CA PHE A 14 5.04 38.78 -9.33
C PHE A 14 5.49 39.52 -8.08
N ASP A 15 5.77 40.82 -8.19
CA ASP A 15 6.11 41.67 -7.04
C ASP A 15 4.98 41.76 -6.10
N ALA A 16 3.77 41.90 -6.62
CA ALA A 16 2.62 41.89 -5.74
C ALA A 16 2.43 40.53 -4.99
N ALA A 17 2.52 39.41 -5.71
CA ALA A 17 2.36 38.08 -5.13
C ALA A 17 3.43 37.85 -4.06
N LEU A 18 4.67 38.31 -4.30
CA LEU A 18 5.76 38.19 -3.31
C LEU A 18 5.43 38.89 -2.02
N GLN A 19 4.86 40.10 -2.10
CA GLN A 19 4.54 40.83 -0.90
C GLN A 19 3.45 40.13 -0.15
N ARG A 20 2.46 39.57 -0.88
CA ARG A 20 1.47 38.76 -0.21
C ARG A 20 2.05 37.54 0.48
N PHE A 21 2.95 36.82 -0.17
CA PHE A 21 3.67 35.73 0.51
C PHE A 21 4.33 36.21 1.79
N ARG A 22 4.96 37.36 1.69
CA ARG A 22 5.59 37.95 2.88
C ARG A 22 4.57 38.30 3.99
N ASP A 23 3.37 38.80 3.62
CA ASP A 23 2.26 39.01 4.60
C ASP A 23 1.94 37.75 5.38
N VAL A 24 1.97 36.60 4.71
CA VAL A 24 1.70 35.32 5.34
C VAL A 24 2.82 34.83 6.21
N VAL A 25 4.01 34.76 5.68
CA VAL A 25 5.10 34.04 6.40
C VAL A 25 6.11 34.90 7.15
N GLY A 26 6.18 36.17 6.82
CA GLY A 26 7.20 37.12 7.27
C GLY A 26 8.21 37.42 6.16
N ASP A 27 8.68 38.69 6.13
CA ASP A 27 9.73 39.13 5.18
C ASP A 27 10.96 38.22 5.11
N LYS A 28 11.44 37.80 6.25
CA LYS A 28 12.63 36.92 6.37
C LYS A 28 12.46 35.56 5.69
N TRP A 29 11.22 35.15 5.50
CA TRP A 29 10.93 33.81 5.02
C TRP A 29 10.51 33.69 3.58
N VAL A 30 10.88 34.71 2.80
CA VAL A 30 10.61 34.73 1.37
C VAL A 30 11.91 35.17 0.75
N LEU A 31 12.48 34.32 -0.09
CA LEU A 31 13.73 34.53 -0.80
C LEU A 31 13.45 34.73 -2.27
N SER A 32 14.01 35.81 -2.84
CA SER A 32 13.78 36.12 -4.24
C SER A 32 14.92 36.78 -5.06
N THR A 33 16.11 36.93 -4.53
CA THR A 33 17.25 37.48 -5.28
C THR A 33 17.99 36.31 -5.88
N ALA A 34 18.68 36.56 -6.99
CA ALA A 34 19.57 35.56 -7.63
C ALA A 34 20.59 34.88 -6.73
N ASP A 35 21.19 35.65 -5.85
CA ASP A 35 22.11 35.13 -4.83
C ASP A 35 21.43 34.18 -3.89
N GLU A 36 20.28 34.58 -3.36
CA GLU A 36 19.55 33.74 -2.44
C GLU A 36 19.09 32.43 -3.14
N LEU A 37 18.78 32.51 -4.44
CA LEU A 37 18.18 31.38 -5.12
C LEU A 37 19.20 30.39 -5.60
N GLU A 38 20.48 30.80 -5.65
CA GLU A 38 21.60 29.91 -6.10
C GLU A 38 21.70 28.63 -5.32
N ALA A 39 21.43 28.69 -4.04
CA ALA A 39 21.50 27.52 -3.21
C ALA A 39 20.35 26.54 -3.48
N PHE A 40 19.30 26.96 -4.21
CA PHE A 40 18.14 26.13 -4.55
C PHE A 40 18.16 25.62 -5.99
N ARG A 41 19.20 25.96 -6.74
CA ARG A 41 19.44 25.30 -8.04
C ARG A 41 19.80 23.84 -7.85
N ASP A 42 19.52 23.04 -8.86
CA ASP A 42 19.95 21.66 -8.86
C ASP A 42 21.46 21.62 -8.60
N PRO A 43 21.91 20.95 -7.53
CA PRO A 43 23.33 20.92 -7.29
C PRO A 43 24.05 20.00 -8.31
N TYR A 44 23.32 19.07 -8.95
CA TYR A 44 23.94 18.14 -9.91
C TYR A 44 23.25 18.40 -11.24
N PRO A 45 23.55 19.58 -11.84
CA PRO A 45 22.69 19.97 -12.97
C PRO A 45 22.86 19.06 -14.19
N VAL A 46 21.79 18.91 -14.95
CA VAL A 46 21.70 17.94 -16.07
C VAL A 46 21.39 18.80 -17.29
N GLY A 47 22.04 18.50 -18.41
CA GLY A 47 21.92 19.34 -19.62
C GLY A 47 22.85 20.54 -19.58
N ALA A 48 23.39 20.94 -20.74
CA ALA A 48 24.23 22.17 -20.79
C ALA A 48 23.40 23.43 -20.51
N ALA A 49 22.21 23.53 -21.07
CA ALA A 49 21.40 24.74 -20.95
C ALA A 49 20.84 24.88 -19.57
N GLU A 50 20.56 26.10 -19.16
CA GLU A 50 19.94 26.37 -17.87
C GLU A 50 18.55 25.77 -17.82
N ALA A 51 18.18 25.22 -16.68
CA ALA A 51 16.86 24.62 -16.57
C ALA A 51 16.45 24.57 -15.08
N ASN A 52 15.16 24.40 -14.84
CA ASN A 52 14.65 24.17 -13.47
C ASN A 52 14.99 25.37 -12.55
N LEU A 53 14.66 26.59 -12.98
CA LEU A 53 15.03 27.79 -12.25
C LEU A 53 13.86 28.23 -11.37
N PRO A 54 14.07 28.30 -10.05
CA PRO A 54 13.00 28.80 -9.18
C PRO A 54 12.93 30.32 -9.27
N SER A 55 11.75 30.90 -9.10
CA SER A 55 11.56 32.33 -9.01
C SER A 55 11.60 32.85 -7.58
N ALA A 56 11.41 31.96 -6.62
CA ALA A 56 11.40 32.35 -5.21
C ALA A 56 11.28 31.10 -4.34
N VAL A 57 11.46 31.29 -3.03
CA VAL A 57 11.36 30.26 -2.03
C VAL A 57 10.57 30.85 -0.86
N VAL A 58 9.47 30.18 -0.46
CA VAL A 58 8.68 30.62 0.70
C VAL A 58 8.73 29.50 1.74
N SER A 59 8.92 29.85 3.00
CA SER A 59 9.11 28.92 4.08
C SER A 59 8.02 29.12 5.07
N PRO A 60 6.90 28.33 4.98
CA PRO A 60 5.81 28.47 5.90
C PRO A 60 6.04 27.85 7.26
N GLU A 61 5.43 28.45 8.30
CA GLU A 61 5.57 28.00 9.69
C GLU A 61 4.50 26.94 10.05
N SER A 62 3.43 26.84 9.26
CA SER A 62 2.23 26.01 9.69
C SER A 62 1.37 25.61 8.51
N THR A 63 0.45 24.67 8.78
CA THR A 63 -0.55 24.25 7.82
C THR A 63 -1.40 25.44 7.32
N GLU A 64 -1.76 26.30 8.24
CA GLU A 64 -2.59 27.44 7.89
C GLU A 64 -1.90 28.34 6.95
N GLN A 65 -0.60 28.56 7.17
CA GLN A 65 0.16 29.36 6.26
C GLN A 65 0.32 28.70 4.90
N VAL A 66 0.52 27.38 4.87
CA VAL A 66 0.51 26.65 3.55
C VAL A 66 -0.83 26.93 2.79
N GLN A 67 -1.94 26.85 3.53
CA GLN A 67 -3.26 27.13 2.92
C GLN A 67 -3.33 28.52 2.32
N ASP A 68 -2.84 29.53 3.07
CA ASP A 68 -2.85 30.90 2.60
C ASP A 68 -1.98 31.09 1.40
N ILE A 69 -0.79 30.48 1.40
CA ILE A 69 0.08 30.55 0.26
C ILE A 69 -0.57 29.95 -0.99
N VAL A 70 -1.25 28.80 -0.82
CA VAL A 70 -1.86 28.14 -1.96
C VAL A 70 -2.99 29.07 -2.54
N ARG A 71 -3.80 29.60 -1.66
CA ARG A 71 -4.85 30.57 -2.03
C ARG A 71 -4.28 31.73 -2.83
N ILE A 72 -3.16 32.30 -2.37
CA ILE A 72 -2.52 33.40 -3.10
C ILE A 72 -2.08 32.98 -4.45
N ALA A 73 -1.48 31.80 -4.53
CA ALA A 73 -0.89 31.36 -5.80
C ALA A 73 -2.05 31.05 -6.77
N ASN A 74 -3.18 30.57 -6.27
CA ASN A 74 -4.37 30.42 -7.15
C ASN A 74 -4.83 31.74 -7.68
N GLU A 75 -4.91 32.74 -6.81
CA GLU A 75 -5.39 34.04 -7.26
C GLU A 75 -4.45 34.66 -8.27
N TYR A 76 -3.13 34.48 -8.16
CA TYR A 76 -2.15 35.09 -9.06
C TYR A 76 -1.63 34.26 -10.21
N GLY A 77 -1.96 32.95 -10.25
CA GLY A 77 -1.52 32.10 -11.30
C GLY A 77 -0.06 31.70 -11.14
N ILE A 78 0.43 31.59 -9.90
CA ILE A 78 1.84 31.34 -9.60
C ILE A 78 1.98 29.82 -9.33
N PRO A 79 2.77 29.10 -10.12
CA PRO A 79 3.02 27.71 -9.74
C PRO A 79 3.89 27.56 -8.50
N LEU A 80 3.57 26.51 -7.73
CA LEU A 80 4.22 26.21 -6.45
C LEU A 80 4.81 24.81 -6.51
N SER A 81 6.07 24.68 -6.09
CA SER A 81 6.77 23.39 -6.05
C SER A 81 7.09 23.07 -4.59
N PRO A 82 6.31 22.19 -3.95
CA PRO A 82 6.61 21.87 -2.57
C PRO A 82 7.77 20.89 -2.37
N VAL A 83 8.62 21.16 -1.38
CA VAL A 83 9.62 20.24 -0.98
C VAL A 83 9.53 20.14 0.54
N SER A 84 10.25 19.18 1.10
CA SER A 84 10.33 19.03 2.55
C SER A 84 11.68 19.61 2.91
N THR A 85 12.75 18.86 2.76
CA THR A 85 14.06 19.37 3.01
C THR A 85 14.74 19.75 1.69
N GLY A 86 14.22 19.27 0.56
CA GLY A 86 14.82 19.56 -0.75
C GLY A 86 16.23 19.04 -0.96
N LYS A 87 16.48 17.82 -0.50
CA LYS A 87 17.74 17.11 -0.74
C LYS A 87 17.54 15.95 -1.73
N ASN A 88 16.68 16.13 -2.76
CA ASN A 88 16.41 15.07 -3.79
C ASN A 88 17.51 15.04 -4.84
N ASN A 89 18.74 14.99 -4.35
CA ASN A 89 19.93 15.11 -5.18
C ASN A 89 20.09 13.84 -5.97
N GLY A 90 20.32 14.05 -7.26
CA GLY A 90 20.31 12.99 -8.23
C GLY A 90 19.04 13.03 -9.06
N TYR A 91 18.01 13.68 -8.56
CA TYR A 91 16.73 13.77 -9.23
C TYR A 91 16.25 15.19 -9.43
N GLY A 92 17.12 16.14 -9.08
CA GLY A 92 16.73 17.54 -9.16
C GLY A 92 17.05 18.43 -8.02
N GLY A 93 17.38 17.84 -6.87
CA GLY A 93 17.64 18.61 -5.66
C GLY A 93 16.33 19.24 -5.23
N ALA A 94 16.34 20.55 -4.93
CA ALA A 94 15.19 21.26 -4.53
C ALA A 94 14.55 21.98 -5.75
N ALA A 95 15.16 21.86 -6.92
CA ALA A 95 14.77 22.69 -8.08
C ALA A 95 13.43 22.21 -8.66
N PRO A 96 12.60 23.11 -9.15
CA PRO A 96 11.28 22.77 -9.68
C PRO A 96 11.37 22.30 -11.08
N ARG A 97 10.50 21.35 -11.43
CA ARG A 97 10.46 20.90 -12.82
C ARG A 97 10.18 22.09 -13.80
N LEU A 98 9.21 22.91 -13.49
CA LEU A 98 8.84 24.07 -14.26
C LEU A 98 9.60 25.36 -13.80
N SER A 99 10.46 25.87 -14.67
CA SER A 99 11.13 27.14 -14.36
C SER A 99 10.15 28.21 -14.12
N GLY A 100 10.43 29.05 -13.13
CA GLY A 100 9.51 30.10 -12.68
C GLY A 100 8.64 29.76 -11.49
N SER A 101 8.61 28.48 -11.14
CA SER A 101 7.79 28.11 -9.97
C SER A 101 8.39 28.64 -8.70
N VAL A 102 7.55 28.81 -7.68
CA VAL A 102 8.00 29.14 -6.35
C VAL A 102 8.16 27.87 -5.50
N ILE A 103 9.32 27.69 -4.90
CA ILE A 103 9.55 26.52 -4.05
C ILE A 103 8.89 26.85 -2.71
N VAL A 104 8.04 25.95 -2.21
CA VAL A 104 7.50 26.02 -0.84
C VAL A 104 8.27 24.97 -0.01
N LYS A 105 9.21 25.48 0.79
CA LYS A 105 10.11 24.65 1.51
C LYS A 105 9.44 24.44 2.84
N THR A 106 8.64 23.41 2.90
CA THR A 106 7.82 23.19 4.13
C THR A 106 8.74 22.90 5.31
N GLY A 107 9.86 22.25 5.04
CA GLY A 107 10.69 21.68 6.10
C GLY A 107 11.54 22.66 6.91
N GLU A 108 11.78 23.85 6.37
CA GLU A 108 12.58 24.87 7.03
C GLU A 108 12.04 25.18 8.44
N ARG A 109 10.75 25.39 8.53
CA ARG A 109 10.09 25.74 9.82
C ARG A 109 9.09 24.72 10.29
N MET A 110 8.51 23.89 9.41
CA MET A 110 7.60 22.81 9.88
C MET A 110 8.46 21.56 10.09
N ASN A 111 9.09 21.52 11.23
CA ASN A 111 10.15 20.56 11.48
C ASN A 111 9.94 19.86 12.82
N ARG A 112 8.72 19.80 13.31
CA ARG A 112 8.42 19.14 14.59
C ARG A 112 8.14 17.66 14.49
N ILE A 113 8.73 16.92 15.44
CA ILE A 113 8.30 15.57 15.79
C ILE A 113 7.04 15.69 16.60
N LEU A 114 5.88 15.42 16.01
CA LEU A 114 4.63 15.57 16.70
C LEU A 114 4.36 14.47 17.68
N GLU A 115 4.73 13.22 17.40
CA GLU A 115 4.51 12.16 18.34
C GLU A 115 5.41 11.03 17.95
N VAL A 116 6.05 10.40 18.94
CA VAL A 116 6.67 9.10 18.81
C VAL A 116 5.97 8.23 19.86
N ASN A 117 5.30 7.19 19.40
CA ASN A 117 4.58 6.29 20.27
C ASN A 117 5.35 5.01 20.42
N GLU A 118 5.86 4.81 21.62
CA GLU A 118 6.69 3.66 21.96
C GLU A 118 5.86 2.34 21.93
N LYS A 119 4.61 2.42 22.37
CA LYS A 119 3.82 1.20 22.53
C LYS A 119 3.35 0.62 21.20
N TYR A 120 2.88 1.49 20.28
CA TYR A 120 2.42 1.05 19.00
C TYR A 120 3.48 1.17 17.87
N GLY A 121 4.63 1.76 18.15
CA GLY A 121 5.78 1.83 17.22
C GLY A 121 5.42 2.64 16.01
N TYR A 122 5.20 3.93 16.22
CA TYR A 122 4.99 4.90 15.11
C TYR A 122 5.48 6.30 15.45
N ALA A 123 5.67 7.12 14.44
CA ALA A 123 5.93 8.54 14.55
C ALA A 123 4.96 9.30 13.70
N LEU A 124 4.53 10.46 14.20
CA LEU A 124 3.80 11.44 13.46
C LEU A 124 4.78 12.64 13.30
N LEU A 125 5.07 12.99 12.03
CA LEU A 125 6.10 13.95 11.64
C LEU A 125 5.68 15.08 10.77
N GLU A 126 6.37 16.22 10.95
CA GLU A 126 6.27 17.27 10.00
C GLU A 126 7.38 17.04 8.94
N PRO A 127 7.29 17.77 7.84
CA PRO A 127 8.26 17.51 6.76
C PRO A 127 9.73 17.83 7.02
N GLY A 128 10.03 18.74 7.95
CA GLY A 128 11.42 19.12 8.20
C GLY A 128 12.17 18.19 9.14
N VAL A 129 11.58 17.09 9.64
CA VAL A 129 12.27 16.13 10.48
C VAL A 129 13.18 15.28 9.61
N THR A 130 14.49 15.40 9.83
CA THR A 130 15.42 14.60 9.09
C THR A 130 15.60 13.30 9.74
N TYR A 131 16.25 12.41 9.03
CA TYR A 131 16.64 11.20 9.66
C TYR A 131 17.54 11.38 10.87
N PHE A 132 18.51 12.27 10.76
CA PHE A 132 19.30 12.65 11.92
C PHE A 132 18.46 13.13 13.08
N ASP A 133 17.49 14.00 12.82
CA ASP A 133 16.62 14.56 13.88
C ASP A 133 15.85 13.45 14.60
N LEU A 134 15.31 12.52 13.82
CA LEU A 134 14.54 11.42 14.41
C LEU A 134 15.47 10.50 15.17
N TYR A 135 16.64 10.19 14.63
CA TYR A 135 17.59 9.36 15.34
C TYR A 135 17.95 9.94 16.71
N GLU A 136 18.24 11.23 16.67
CA GLU A 136 18.57 11.98 17.89
C GLU A 136 17.47 11.92 18.95
N TYR A 137 16.22 12.15 18.53
CA TYR A 137 15.09 11.94 19.37
C TYR A 137 15.05 10.52 20.01
N LEU A 138 15.12 9.48 19.17
CA LEU A 138 15.08 8.10 19.64
C LEU A 138 16.20 7.82 20.64
N GLN A 139 17.42 8.25 20.30
CA GLN A 139 18.54 8.14 21.24
C GLN A 139 18.34 8.87 22.56
N SER A 140 17.94 10.11 22.50
CA SER A 140 17.69 10.94 23.68
C SER A 140 16.68 10.37 24.63
N HIS A 141 15.67 9.68 24.09
CA HIS A 141 14.56 9.16 24.86
C HIS A 141 14.73 7.69 25.17
N ASP A 142 15.89 7.12 24.87
CA ASP A 142 16.19 5.72 25.06
C ASP A 142 15.12 4.78 24.48
N SER A 143 14.69 5.08 23.25
CA SER A 143 13.63 4.36 22.62
C SER A 143 14.05 2.93 22.36
N GLY A 144 13.07 2.02 22.40
CA GLY A 144 13.24 0.71 21.81
C GLY A 144 12.91 0.58 20.32
N LEU A 145 12.74 1.67 19.61
CA LEU A 145 12.35 1.68 18.20
C LEU A 145 13.58 2.06 17.42
N MET A 146 13.55 1.74 16.13
CA MET A 146 14.61 2.21 15.23
C MET A 146 13.96 2.79 13.96
N LEU A 147 14.71 3.66 13.27
CA LEU A 147 14.17 4.24 12.08
C LEU A 147 14.71 3.45 10.90
N ASP A 148 14.21 3.76 9.72
CA ASP A 148 14.75 3.20 8.49
C ASP A 148 15.20 4.39 7.62
N CYS A 149 16.48 4.40 7.23
CA CYS A 149 17.04 5.52 6.48
C CYS A 149 17.64 5.14 5.15
N PRO A 150 17.58 6.08 4.21
CA PRO A 150 18.35 5.96 3.00
C PRO A 150 19.84 6.15 3.28
N ASP A 151 20.64 6.09 2.24
CA ASP A 151 22.08 6.26 2.32
C ASP A 151 22.56 7.53 3.00
N LEU A 152 21.86 8.64 2.79
CA LEU A 152 22.22 9.93 3.37
C LEU A 152 21.18 10.39 4.38
N GLY A 153 21.63 10.79 5.59
CA GLY A 153 20.67 11.06 6.70
C GLY A 153 20.10 12.45 6.73
N TRP A 154 20.55 13.28 5.79
CA TRP A 154 20.13 14.72 5.80
C TRP A 154 18.80 14.98 5.12
N GLY A 155 18.20 13.95 4.51
CA GLY A 155 16.90 14.09 3.93
C GLY A 155 15.79 14.00 4.97
N SER A 156 14.58 14.03 4.45
CA SER A 156 13.35 14.12 5.22
C SER A 156 12.68 12.76 5.24
N VAL A 157 12.24 12.32 6.44
CA VAL A 157 11.52 11.10 6.52
C VAL A 157 10.28 11.23 5.64
N VAL A 158 9.62 12.39 5.69
CA VAL A 158 8.44 12.66 4.93
C VAL A 158 8.74 12.80 3.42
N GLY A 159 9.65 13.67 3.06
CA GLY A 159 9.98 13.98 1.64
C GLY A 159 10.43 12.76 0.83
N ASN A 160 11.28 11.96 1.48
CA ASN A 160 11.74 10.73 0.91
C ASN A 160 10.59 9.79 0.65
N THR A 161 9.71 9.58 1.62
CA THR A 161 8.53 8.75 1.43
C THR A 161 7.62 9.26 0.32
N LEU A 162 7.44 10.57 0.23
CA LEU A 162 6.65 11.16 -0.85
C LEU A 162 7.22 10.94 -2.27
N ASP A 163 8.51 10.64 -2.40
CA ASP A 163 9.02 10.28 -3.71
C ASP A 163 9.14 8.72 -3.90
N ARG A 164 8.63 7.93 -2.93
CA ARG A 164 8.71 6.47 -2.82
C ARG A 164 10.16 5.99 -2.74
N GLY A 165 10.95 6.72 -1.95
CA GLY A 165 12.33 6.40 -1.64
C GLY A 165 12.46 5.16 -0.82
N VAL A 166 13.69 4.72 -0.64
CA VAL A 166 13.95 3.43 -0.05
C VAL A 166 15.11 3.49 0.97
N GLY A 167 15.00 2.60 1.95
CA GLY A 167 16.09 2.28 2.85
C GLY A 167 16.23 0.80 2.95
N TYR A 168 16.93 0.38 3.97
CA TYR A 168 17.58 -0.93 3.97
C TYR A 168 17.33 -1.85 5.13
N THR A 169 16.49 -1.46 6.08
CA THR A 169 16.12 -2.37 7.16
C THR A 169 14.95 -3.17 6.65
N PRO A 170 14.38 -4.03 7.50
CA PRO A 170 13.12 -4.67 7.05
C PRO A 170 11.98 -3.70 6.80
N TYR A 171 12.08 -2.44 7.26
CA TYR A 171 11.05 -1.42 6.98
C TYR A 171 11.51 -0.48 5.84
N GLY A 172 12.29 -1.01 4.93
CA GLY A 172 12.89 -0.16 3.90
C GLY A 172 11.98 0.33 2.79
N ASP A 173 10.83 -0.32 2.57
CA ASP A 173 9.82 0.25 1.70
C ASP A 173 9.06 1.38 2.45
N HIS A 174 9.52 2.63 2.30
CA HIS A 174 9.00 3.73 3.15
C HIS A 174 7.54 3.96 2.96
N PHE A 175 7.15 3.94 1.70
CA PHE A 175 5.74 4.11 1.41
C PHE A 175 4.84 2.99 2.03
N MET A 176 5.28 1.74 2.07
CA MET A 176 4.52 0.60 2.74
C MET A 176 4.25 0.97 4.15
N TRP A 177 5.21 1.60 4.84
CA TRP A 177 5.00 1.89 6.29
C TRP A 177 4.40 3.22 6.63
N GLN A 178 4.23 4.10 5.61
CA GLN A 178 3.51 5.35 5.76
C GLN A 178 2.09 5.04 6.22
N THR A 179 1.63 5.79 7.23
CA THR A 179 0.33 5.51 7.86
C THR A 179 -0.29 6.84 8.27
N GLY A 180 -1.28 7.28 7.48
CA GLY A 180 -1.91 8.55 7.61
C GLY A 180 -1.17 9.75 7.06
N LEU A 181 -1.90 10.71 6.51
CA LEU A 181 -1.28 12.04 6.18
C LEU A 181 -2.24 13.16 6.17
N GLU A 182 -1.72 14.37 6.30
CA GLU A 182 -2.46 15.61 6.15
C GLU A 182 -1.87 16.37 4.94
N VAL A 183 -2.76 16.90 4.12
CA VAL A 183 -2.41 17.49 2.85
C VAL A 183 -3.27 18.71 2.54
N VAL A 184 -2.65 19.78 2.07
CA VAL A 184 -3.37 20.95 1.59
C VAL A 184 -3.54 20.72 0.11
N LEU A 185 -4.79 20.56 -0.30
CA LEU A 185 -5.14 20.37 -1.71
C LEU A 185 -4.94 21.62 -2.60
N PRO A 186 -4.99 21.48 -3.96
CA PRO A 186 -4.48 22.53 -4.77
C PRO A 186 -5.20 23.87 -4.76
N GLN A 187 -6.40 23.91 -4.24
CA GLN A 187 -7.11 25.21 -4.02
C GLN A 187 -7.11 25.63 -2.57
N GLY A 188 -6.35 24.94 -1.71
CA GLY A 188 -6.17 25.43 -0.33
C GLY A 188 -6.96 24.75 0.80
N GLU A 189 -7.77 23.74 0.46
CA GLU A 189 -8.56 22.96 1.43
C GLU A 189 -7.60 21.98 2.12
N VAL A 190 -7.77 21.74 3.40
CA VAL A 190 -6.95 20.70 4.09
C VAL A 190 -7.74 19.39 4.32
N MET A 191 -7.06 18.26 4.09
CA MET A 191 -7.65 16.94 4.26
C MET A 191 -6.71 16.02 5.01
N ARG A 192 -7.30 15.16 5.80
CA ARG A 192 -6.55 14.07 6.44
C ARG A 192 -7.01 12.74 5.90
N THR A 193 -6.06 11.83 5.63
CA THR A 193 -6.36 10.50 5.14
C THR A 193 -6.56 9.46 6.23
N GLY A 194 -7.17 8.33 5.84
CA GLY A 194 -7.32 7.21 6.69
C GLY A 194 -8.22 7.46 7.91
N MET A 195 -7.78 6.95 9.05
CA MET A 195 -8.47 7.14 10.27
C MET A 195 -8.37 8.54 10.74
N GLY A 196 -7.46 9.35 10.20
CA GLY A 196 -7.35 10.74 10.59
C GLY A 196 -8.56 11.57 10.13
N ALA A 197 -9.32 11.04 9.19
CA ALA A 197 -10.55 11.70 8.75
C ALA A 197 -11.73 11.54 9.75
N LEU A 198 -11.52 10.72 10.80
CA LEU A 198 -12.52 10.42 11.85
C LEU A 198 -12.16 11.24 13.06
N PRO A 199 -12.91 12.33 13.33
CA PRO A 199 -12.52 13.24 14.44
C PRO A 199 -12.33 12.49 15.72
N GLY A 200 -11.23 12.77 16.40
CA GLY A 200 -10.90 12.09 17.62
C GLY A 200 -10.36 10.70 17.53
N SER A 201 -10.12 10.11 16.34
CA SER A 201 -9.59 8.74 16.30
C SER A 201 -8.13 8.72 16.83
N ASP A 202 -7.75 7.71 17.58
CA ASP A 202 -6.36 7.46 17.93
C ASP A 202 -5.67 6.48 16.97
N ALA A 203 -6.30 6.13 15.86
CA ALA A 203 -5.80 5.10 14.96
C ALA A 203 -5.17 5.62 13.67
N TRP A 204 -4.87 6.93 13.62
CA TRP A 204 -4.34 7.57 12.39
C TRP A 204 -3.06 6.85 11.89
N GLN A 205 -2.19 6.55 12.82
CA GLN A 205 -0.94 5.84 12.59
C GLN A 205 -1.04 4.32 12.87
N LEU A 206 -2.25 3.80 13.08
CA LEU A 206 -2.46 2.40 13.36
C LEU A 206 -3.01 1.62 12.21
N PHE A 207 -3.95 2.16 11.51
CA PHE A 207 -4.63 1.46 10.44
C PHE A 207 -4.64 2.43 9.23
N PRO A 208 -3.92 2.11 8.16
CA PRO A 208 -3.72 3.09 7.05
C PRO A 208 -4.92 3.47 6.20
N TYR A 209 -5.83 2.53 6.00
CA TYR A 209 -6.81 2.67 4.93
C TYR A 209 -8.02 3.53 5.23
N GLY A 210 -8.48 3.60 6.46
CA GLY A 210 -9.75 4.30 6.69
C GLY A 210 -10.89 3.56 5.99
N PHE A 211 -11.82 4.32 5.45
CA PHE A 211 -13.04 3.89 4.80
C PHE A 211 -13.20 4.55 3.43
N GLY A 212 -13.66 3.78 2.43
CA GLY A 212 -13.77 4.24 1.10
C GLY A 212 -12.46 4.15 0.35
N PRO A 213 -12.41 4.76 -0.85
CA PRO A 213 -11.19 4.60 -1.65
C PRO A 213 -9.96 5.14 -0.90
N PHE A 214 -8.86 4.43 -1.10
CA PHE A 214 -7.69 4.66 -0.32
C PHE A 214 -6.78 5.61 -1.14
N PRO A 215 -6.56 6.83 -0.65
CA PRO A 215 -5.97 7.83 -1.55
C PRO A 215 -4.48 8.15 -1.35
N ASP A 216 -3.86 7.65 -0.25
CA ASP A 216 -2.48 8.18 0.13
C ASP A 216 -1.45 8.08 -0.99
N GLY A 217 -1.52 6.99 -1.71
CA GLY A 217 -0.57 6.75 -2.80
C GLY A 217 -0.64 7.80 -3.91
N MET A 218 -1.79 8.44 -4.02
CA MET A 218 -1.97 9.48 -5.01
C MET A 218 -1.22 10.78 -4.62
N PHE A 219 -0.65 10.84 -3.41
CA PHE A 219 0.19 11.99 -2.98
C PHE A 219 1.65 11.68 -2.99
N THR A 220 2.05 10.61 -3.69
CA THR A 220 3.43 10.18 -3.84
C THR A 220 3.79 10.25 -5.34
N GLN A 221 5.03 10.69 -5.60
CA GLN A 221 5.45 11.13 -6.88
C GLN A 221 4.39 11.95 -7.65
N SER A 222 3.90 13.01 -7.00
CA SER A 222 2.61 13.55 -7.33
C SER A 222 2.55 15.07 -7.20
N ASN A 223 1.68 15.71 -7.91
CA ASN A 223 1.50 17.12 -7.78
C ASN A 223 0.07 17.47 -7.37
N LEU A 224 -0.50 16.65 -6.48
CA LEU A 224 -1.90 16.82 -6.05
C LEU A 224 -2.08 17.52 -4.74
N GLY A 225 -1.00 17.98 -4.12
CA GLY A 225 -1.18 18.74 -2.84
C GLY A 225 0.15 19.02 -2.16
N ILE A 226 0.09 19.72 -1.04
CA ILE A 226 1.27 19.99 -0.25
C ILE A 226 1.02 19.26 1.05
N VAL A 227 1.85 18.26 1.34
CA VAL A 227 1.70 17.47 2.55
C VAL A 227 2.36 18.22 3.74
N THR A 228 1.66 18.23 4.88
CA THR A 228 2.03 18.94 6.05
C THR A 228 2.27 18.06 7.24
N LYS A 229 1.73 16.85 7.26
CA LYS A 229 1.99 15.86 8.33
C LYS A 229 1.95 14.48 7.74
N MET A 230 2.75 13.58 8.25
CA MET A 230 2.70 12.21 7.83
C MET A 230 3.09 11.31 8.99
N GLY A 231 2.44 10.18 9.07
CA GLY A 231 2.73 9.12 9.98
C GLY A 231 3.53 8.02 9.31
N ILE A 232 4.35 7.42 10.10
CA ILE A 232 5.12 6.27 9.69
C ILE A 232 5.30 5.28 10.77
N ALA A 233 5.16 3.99 10.43
CA ALA A 233 5.50 2.94 11.41
C ALA A 233 7.01 2.82 11.63
N LEU A 234 7.38 2.45 12.84
CA LEU A 234 8.76 2.24 13.27
C LEU A 234 8.94 0.86 13.87
N MET A 235 9.93 0.16 13.37
CA MET A 235 10.21 -1.15 13.81
C MET A 235 10.87 -1.12 15.24
N GLN A 236 10.64 -2.18 16.02
CA GLN A 236 11.33 -2.37 17.26
C GLN A 236 12.79 -2.77 16.98
N ARG A 237 13.73 -2.24 17.73
CA ARG A 237 15.16 -2.67 17.58
C ARG A 237 15.35 -4.12 18.04
N PRO A 238 15.94 -4.97 17.19
CA PRO A 238 16.20 -6.35 17.58
C PRO A 238 17.34 -6.46 18.59
N PRO A 239 17.48 -7.60 19.24
CA PRO A 239 18.49 -7.69 20.32
C PRO A 239 19.93 -7.74 19.81
N ALA A 240 20.14 -8.18 18.56
CA ALA A 240 21.45 -8.27 18.00
C ALA A 240 21.33 -8.13 16.45
N SER A 241 22.45 -7.75 15.85
CA SER A 241 22.54 -7.76 14.41
C SER A 241 23.98 -8.06 13.99
N GLN A 242 24.10 -8.42 12.71
CA GLN A 242 25.39 -8.69 12.08
C GLN A 242 25.30 -8.33 10.59
N SER A 243 26.25 -7.58 10.07
CA SER A 243 26.29 -7.24 8.69
C SER A 243 27.42 -8.03 8.03
N PHE A 244 27.24 -8.23 6.71
CA PHE A 244 28.27 -8.94 5.98
C PHE A 244 28.40 -8.37 4.62
N LEU A 245 29.60 -8.66 4.04
CA LEU A 245 29.97 -8.37 2.69
C LEU A 245 30.39 -9.66 2.01
N ILE A 246 29.87 -9.86 0.79
CA ILE A 246 30.34 -10.94 -0.10
C ILE A 246 30.95 -10.27 -1.31
N THR A 247 32.25 -10.46 -1.55
CA THR A 247 32.87 -10.01 -2.80
C THR A 247 32.83 -11.11 -3.88
N PHE A 248 32.54 -10.66 -5.09
CA PHE A 248 32.51 -11.53 -6.25
C PHE A 248 33.42 -10.94 -7.29
N ASP A 249 34.32 -11.75 -7.80
CA ASP A 249 35.43 -11.24 -8.57
C ASP A 249 35.07 -10.74 -9.99
N LYS A 250 34.06 -11.30 -10.67
CA LYS A 250 33.90 -11.05 -12.11
C LYS A 250 32.60 -10.28 -12.42
N GLU A 251 32.63 -9.35 -13.40
CA GLU A 251 31.40 -8.71 -13.87
C GLU A 251 30.34 -9.74 -14.25
N GLU A 252 30.74 -10.87 -14.81
CA GLU A 252 29.81 -11.85 -15.26
C GLU A 252 29.20 -12.60 -14.13
N ASP A 253 29.70 -12.42 -12.92
CA ASP A 253 29.08 -13.13 -11.78
C ASP A 253 27.65 -12.65 -11.46
N LEU A 254 27.22 -11.50 -12.00
CA LEU A 254 25.92 -10.86 -11.68
C LEU A 254 24.77 -11.86 -11.81
N GLU A 255 24.75 -12.59 -12.92
CA GLU A 255 23.62 -13.46 -13.20
C GLU A 255 23.42 -14.47 -12.08
N GLN A 256 24.49 -15.20 -11.78
CA GLN A 256 24.43 -16.19 -10.73
C GLN A 256 24.12 -15.60 -9.35
N ILE A 257 24.73 -14.46 -9.02
CA ILE A 257 24.48 -13.82 -7.71
C ILE A 257 22.98 -13.64 -7.50
N VAL A 258 22.33 -13.04 -8.48
CA VAL A 258 20.89 -12.74 -8.38
C VAL A 258 20.05 -14.02 -8.34
N ASP A 259 20.42 -15.01 -9.17
CA ASP A 259 19.68 -16.23 -9.20
C ASP A 259 19.83 -17.01 -7.88
N ILE A 260 20.98 -16.94 -7.27
CA ILE A 260 21.13 -17.60 -5.95
C ILE A 260 20.35 -16.82 -4.86
N MET A 261 20.42 -15.48 -4.97
CA MET A 261 19.76 -14.60 -4.00
C MET A 261 18.24 -14.85 -3.87
N LEU A 262 17.51 -15.00 -4.99
CA LEU A 262 16.06 -14.92 -4.94
C LEU A 262 15.38 -15.87 -3.91
N PRO A 263 15.72 -17.20 -3.92
CA PRO A 263 15.11 -18.07 -2.94
C PRO A 263 15.49 -17.78 -1.49
N LEU A 264 16.61 -17.10 -1.27
CA LEU A 264 17.01 -16.68 0.07
C LEU A 264 16.33 -15.39 0.53
N ARG A 265 15.75 -14.64 -0.40
CA ARG A 265 15.11 -13.35 -0.16
C ARG A 265 13.57 -13.39 -0.09
N ILE A 266 12.92 -14.19 -0.94
CA ILE A 266 11.49 -13.99 -1.19
C ILE A 266 10.59 -14.25 0.07
N ASN A 267 11.10 -15.08 0.98
CA ASN A 267 10.50 -15.26 2.30
C ASN A 267 10.94 -14.42 3.42
N MET A 268 11.79 -13.45 3.15
CA MET A 268 12.36 -12.56 4.09
C MET A 268 13.32 -13.26 5.04
N ALA A 269 13.87 -14.41 4.68
CA ALA A 269 14.77 -15.15 5.55
C ALA A 269 15.41 -16.20 4.69
N PRO A 270 16.70 -16.42 4.80
CA PRO A 270 17.64 -15.74 5.67
C PRO A 270 18.01 -14.32 5.31
N LEU A 271 17.70 -13.85 4.10
CA LEU A 271 17.87 -12.43 3.77
C LEU A 271 16.78 -11.54 4.28
N GLN A 272 16.96 -11.12 5.51
CA GLN A 272 15.95 -10.37 6.30
C GLN A 272 15.88 -8.89 5.97
N ASN A 273 17.04 -8.31 5.68
CA ASN A 273 17.07 -6.89 5.35
C ASN A 273 16.97 -6.78 3.82
N VAL A 274 17.10 -5.55 3.36
CA VAL A 274 17.14 -5.21 1.96
C VAL A 274 18.59 -5.30 1.53
N PRO A 275 18.94 -6.41 0.90
CA PRO A 275 20.34 -6.41 0.46
C PRO A 275 20.63 -5.44 -0.65
N VAL A 276 21.91 -5.04 -0.74
CA VAL A 276 22.35 -4.16 -1.84
C VAL A 276 23.50 -4.85 -2.56
N LEU A 277 23.49 -4.81 -3.88
CA LEU A 277 24.63 -5.32 -4.63
C LEU A 277 25.20 -4.16 -5.41
N ARG A 278 26.43 -3.80 -5.09
CA ARG A 278 27.07 -2.60 -5.48
C ARG A 278 28.29 -3.01 -6.33
N ASN A 279 28.58 -2.25 -7.37
CA ASN A 279 29.72 -2.62 -8.21
C ASN A 279 30.94 -1.86 -7.68
N ILE A 280 32.10 -2.16 -8.26
CA ILE A 280 33.36 -1.61 -7.76
C ILE A 280 33.42 -0.10 -7.88
N PHE A 281 32.78 0.47 -8.90
CA PHE A 281 32.77 1.91 -9.09
C PHE A 281 32.02 2.64 -8.00
N MET A 282 30.95 2.03 -7.56
CA MET A 282 30.20 2.56 -6.40
C MET A 282 31.06 2.49 -5.15
N ASP A 283 31.68 1.33 -4.92
CA ASP A 283 32.46 1.20 -3.67
C ASP A 283 33.76 1.99 -3.73
N ALA A 284 34.47 1.92 -4.85
CA ALA A 284 35.67 2.71 -4.94
C ALA A 284 35.42 4.22 -4.78
N ALA A 285 34.34 4.71 -5.37
CA ALA A 285 34.07 6.12 -5.33
C ALA A 285 33.76 6.60 -3.91
N ALA A 286 33.23 5.69 -3.08
CA ALA A 286 32.96 6.01 -1.69
C ALA A 286 34.23 6.19 -0.87
N VAL A 287 35.39 5.69 -1.32
CA VAL A 287 36.60 5.73 -0.54
C VAL A 287 37.85 6.30 -1.24
N SER A 288 37.71 6.69 -2.50
CA SER A 288 38.87 7.08 -3.32
C SER A 288 38.43 7.96 -4.50
N LYS A 289 39.42 8.65 -5.09
CA LYS A 289 39.22 9.48 -6.29
C LYS A 289 39.59 8.74 -7.53
N ARG A 290 38.95 9.09 -8.66
CA ARG A 290 39.19 8.36 -9.87
C ARG A 290 40.72 8.33 -10.23
N THR A 291 41.37 9.46 -10.02
CA THR A 291 42.78 9.64 -10.37
C THR A 291 43.73 8.78 -9.58
N GLU A 292 43.32 8.14 -8.47
CA GLU A 292 44.17 7.13 -7.87
C GLU A 292 44.37 5.92 -8.73
N TRP A 293 43.40 5.61 -9.58
CA TRP A 293 43.37 4.37 -10.33
C TRP A 293 43.68 4.65 -11.79
N PHE A 294 43.23 5.79 -12.31
CA PHE A 294 43.38 6.08 -13.75
C PHE A 294 43.37 7.56 -13.97
N ASP A 295 44.29 8.06 -14.78
CA ASP A 295 44.22 9.49 -15.15
C ASP A 295 44.32 9.76 -16.66
N GLY A 296 43.89 8.80 -17.48
CA GLY A 296 43.83 8.97 -18.93
C GLY A 296 42.45 9.45 -19.34
N ASP A 297 42.15 9.26 -20.62
CA ASP A 297 40.94 9.69 -21.28
C ASP A 297 40.09 8.46 -21.37
N GLY A 298 38.77 8.68 -21.37
CA GLY A 298 37.81 7.61 -21.62
C GLY A 298 37.62 6.67 -20.46
N PRO A 299 36.93 5.55 -20.71
CA PRO A 299 36.58 4.62 -19.67
C PRO A 299 37.79 3.97 -19.09
N MET A 300 37.65 3.63 -17.85
CA MET A 300 38.76 3.08 -17.14
C MET A 300 39.16 1.73 -17.79
N PRO A 301 40.46 1.50 -18.01
CA PRO A 301 40.81 0.20 -18.58
C PRO A 301 40.67 -0.95 -17.59
N ALA A 302 40.51 -2.15 -18.12
CA ALA A 302 40.52 -3.38 -17.36
C ALA A 302 41.61 -3.47 -16.27
N GLU A 303 42.85 -3.07 -16.60
CA GLU A 303 43.98 -3.08 -15.66
C GLU A 303 43.76 -2.15 -14.50
N ALA A 304 43.22 -0.99 -14.78
CA ALA A 304 42.88 -0.02 -13.71
C ALA A 304 41.75 -0.53 -12.79
N ILE A 305 40.77 -1.21 -13.37
CA ILE A 305 39.69 -1.82 -12.58
C ILE A 305 40.25 -2.96 -11.69
N GLU A 306 41.13 -3.79 -12.22
CA GLU A 306 41.79 -4.84 -11.45
C GLU A 306 42.57 -4.24 -10.29
N ARG A 307 43.18 -3.07 -10.48
CA ARG A 307 43.89 -2.40 -9.38
C ARG A 307 43.01 -1.90 -8.22
N MET A 308 41.86 -1.29 -8.56
CA MET A 308 40.84 -0.87 -7.59
C MET A 308 40.46 -2.06 -6.77
N LYS A 309 40.15 -3.18 -7.42
CA LYS A 309 39.72 -4.40 -6.71
C LYS A 309 40.81 -4.93 -5.78
N LYS A 310 42.03 -5.03 -6.31
CA LYS A 310 43.12 -5.58 -5.52
C LYS A 310 43.47 -4.66 -4.39
N ASP A 311 43.68 -3.39 -4.66
CA ASP A 311 44.04 -2.49 -3.56
C ASP A 311 42.96 -2.41 -2.45
N LEU A 312 41.69 -2.34 -2.85
CA LEU A 312 40.61 -2.27 -1.85
C LEU A 312 40.20 -3.58 -1.28
N ASP A 313 40.75 -4.69 -1.81
CA ASP A 313 40.29 -6.05 -1.49
C ASP A 313 38.75 -6.22 -1.64
N LEU A 314 38.23 -5.68 -2.75
CA LEU A 314 36.82 -5.83 -3.12
C LEU A 314 36.66 -6.57 -4.45
N GLY A 315 35.47 -7.05 -4.69
CA GLY A 315 35.12 -7.66 -5.97
C GLY A 315 34.65 -6.63 -6.99
N PHE A 316 34.38 -7.11 -8.20
CA PHE A 316 33.61 -6.29 -9.15
C PHE A 316 32.19 -6.03 -8.65
N TRP A 317 31.60 -7.06 -8.06
CA TRP A 317 30.28 -6.98 -7.40
C TRP A 317 30.43 -7.28 -5.92
N ASN A 318 29.81 -6.45 -5.10
CA ASN A 318 29.91 -6.55 -3.63
C ASN A 318 28.52 -6.51 -3.02
N PHE A 319 28.17 -7.58 -2.32
CA PHE A 319 26.84 -7.82 -1.79
C PHE A 319 26.90 -7.49 -0.32
N TYR A 320 26.01 -6.58 0.11
CA TYR A 320 25.95 -6.22 1.51
C TYR A 320 24.59 -6.54 2.10
N GLY A 321 24.63 -7.19 3.26
CA GLY A 321 23.40 -7.51 3.98
C GLY A 321 23.57 -7.47 5.48
N THR A 322 22.41 -7.45 6.14
CA THR A 322 22.37 -7.45 7.61
C THR A 322 21.36 -8.46 8.12
N LEU A 323 21.67 -9.11 9.24
CA LEU A 323 20.85 -10.14 9.84
C LEU A 323 20.52 -9.67 11.26
N TYR A 324 19.36 -10.07 11.76
CA TYR A 324 18.85 -9.48 12.98
C TYR A 324 18.23 -10.58 13.79
N GLY A 325 18.32 -10.46 15.12
CA GLY A 325 17.55 -11.36 16.00
C GLY A 325 18.44 -11.90 17.10
N PRO A 326 17.95 -12.97 17.74
CA PRO A 326 18.79 -13.68 18.73
C PRO A 326 20.10 -14.19 18.07
N PRO A 327 21.22 -14.20 18.83
CA PRO A 327 22.44 -14.66 18.19
C PRO A 327 22.39 -16.02 17.47
N PRO A 328 21.69 -17.04 18.04
CA PRO A 328 21.68 -18.34 17.30
C PRO A 328 20.95 -18.26 15.93
N LEU A 329 19.90 -17.43 15.82
CA LEU A 329 19.21 -17.19 14.56
C LEU A 329 20.10 -16.53 13.51
N ILE A 330 20.82 -15.49 13.96
CA ILE A 330 21.79 -14.85 13.06
C ILE A 330 22.79 -15.89 12.54
N GLU A 331 23.37 -16.68 13.44
CA GLU A 331 24.36 -17.70 12.98
C GLU A 331 23.80 -18.71 12.03
N MET A 332 22.58 -19.18 12.23
CA MET A 332 21.92 -20.13 11.35
C MET A 332 21.72 -19.50 9.96
N TYR A 333 21.24 -18.25 9.93
CA TYR A 333 21.01 -17.51 8.68
C TYR A 333 22.29 -17.21 7.94
N TYR A 334 23.34 -16.83 8.67
CA TYR A 334 24.58 -16.58 8.02
C TYR A 334 25.24 -17.82 7.41
N GLY A 335 25.15 -18.95 8.11
CA GLY A 335 25.58 -20.28 7.56
C GLY A 335 24.87 -20.59 6.29
N MET A 336 23.57 -20.31 6.23
CA MET A 336 22.77 -20.56 4.99
C MET A 336 23.20 -19.72 3.80
N ILE A 337 23.50 -18.42 4.07
CA ILE A 337 23.97 -17.45 3.09
C ILE A 337 25.35 -17.86 2.59
N LYS A 338 26.27 -18.22 3.49
CA LYS A 338 27.59 -18.70 3.05
C LYS A 338 27.54 -19.90 2.12
N GLU A 339 26.72 -20.83 2.46
CA GLU A 339 26.58 -22.09 1.69
C GLU A 339 26.03 -21.84 0.25
N ALA A 340 25.02 -20.98 0.14
CA ALA A 340 24.43 -20.67 -1.15
C ALA A 340 25.36 -19.87 -2.01
N PHE A 341 25.80 -18.71 -1.52
CA PHE A 341 26.62 -17.83 -2.34
C PHE A 341 28.02 -18.36 -2.54
N GLY A 342 28.51 -19.21 -1.62
CA GLY A 342 29.85 -19.79 -1.77
C GLY A 342 30.05 -20.67 -3.02
N LYS A 343 28.96 -21.10 -3.66
CA LYS A 343 29.03 -21.82 -4.93
C LYS A 343 29.59 -21.01 -6.08
N ILE A 344 29.67 -19.68 -5.96
CA ILE A 344 30.15 -18.89 -7.05
C ILE A 344 31.63 -18.86 -6.90
N PRO A 345 32.36 -19.41 -7.89
CA PRO A 345 33.80 -19.44 -7.72
C PRO A 345 34.37 -18.04 -7.37
N GLY A 346 35.28 -17.96 -6.45
CA GLY A 346 35.88 -16.70 -6.15
C GLY A 346 35.16 -15.87 -5.07
N ALA A 347 34.00 -16.33 -4.60
CA ALA A 347 33.27 -15.53 -3.60
C ALA A 347 34.02 -15.49 -2.30
N ARG A 348 34.11 -14.31 -1.64
CA ARG A 348 34.73 -14.25 -0.31
C ARG A 348 33.73 -13.55 0.63
N PHE A 349 33.73 -13.92 1.91
CA PHE A 349 32.75 -13.43 2.94
C PHE A 349 33.41 -12.72 4.08
N PHE A 350 32.85 -11.58 4.52
CA PHE A 350 33.41 -10.87 5.60
C PHE A 350 32.29 -10.36 6.45
N THR A 351 32.36 -10.51 7.75
CA THR A 351 31.41 -9.81 8.63
C THR A 351 31.94 -8.46 9.07
N HIS A 352 31.08 -7.64 9.69
CA HIS A 352 31.47 -6.33 10.13
C HIS A 352 32.48 -6.40 11.25
N GLU A 353 32.65 -7.55 11.89
CA GLU A 353 33.70 -7.73 12.87
C GLU A 353 35.04 -8.10 12.23
N GLU A 354 35.11 -8.43 10.97
CA GLU A 354 36.29 -9.01 10.38
C GLU A 354 37.11 -8.05 9.54
N ARG A 355 36.59 -6.89 9.14
CA ARG A 355 37.31 -5.97 8.27
C ARG A 355 37.26 -4.56 8.73
N ASP A 356 38.44 -4.00 8.98
CA ASP A 356 38.64 -2.61 9.45
C ASP A 356 39.48 -1.73 8.47
N ASP A 357 39.76 -2.24 7.27
CA ASP A 357 40.59 -1.60 6.29
C ASP A 357 39.79 -0.57 5.43
N ARG A 358 40.50 0.10 4.54
CA ARG A 358 39.90 1.09 3.71
C ARG A 358 38.74 0.51 2.89
N GLY A 359 38.94 -0.64 2.30
CA GLY A 359 37.89 -1.27 1.51
C GLY A 359 36.60 -1.59 2.24
N GLY A 360 36.77 -1.90 3.51
CA GLY A 360 35.71 -2.25 4.44
C GLY A 360 34.95 -1.09 5.01
N HIS A 361 35.37 0.12 4.66
CA HIS A 361 34.66 1.31 5.05
C HIS A 361 33.14 1.29 4.60
N VAL A 362 32.86 0.75 3.41
CA VAL A 362 31.49 0.68 2.88
C VAL A 362 30.66 -0.31 3.77
N LEU A 363 31.21 -1.47 4.09
CA LEU A 363 30.60 -2.44 4.99
C LEU A 363 30.30 -1.82 6.33
N GLN A 364 31.24 -1.04 6.89
CA GLN A 364 30.99 -0.34 8.14
C GLN A 364 29.83 0.66 8.03
N ASP A 365 29.76 1.42 6.94
CA ASP A 365 28.67 2.37 6.68
C ASP A 365 27.32 1.66 6.53
N ARG A 366 27.34 0.51 5.87
CA ARG A 366 26.12 -0.25 5.66
C ARG A 366 25.65 -0.84 7.00
N HIS A 367 26.58 -1.26 7.87
CA HIS A 367 26.24 -1.74 9.15
C HIS A 367 25.55 -0.65 10.01
N LYS A 368 25.91 0.62 9.85
CA LYS A 368 25.14 1.69 10.48
C LYS A 368 23.76 1.90 9.85
N ILE A 369 23.72 2.11 8.54
CA ILE A 369 22.49 2.36 7.82
C ILE A 369 21.45 1.21 8.05
N ASN A 370 21.88 -0.04 7.94
CA ASN A 370 21.01 -1.16 8.13
C ASN A 370 20.56 -1.40 9.56
N ASN A 371 21.08 -0.66 10.53
CA ASN A 371 20.63 -0.63 11.93
C ASN A 371 20.02 0.72 12.30
N GLY A 372 19.59 1.48 11.26
CA GLY A 372 18.90 2.77 11.43
C GLY A 372 19.70 3.87 12.03
N ILE A 373 21.02 3.83 11.81
CA ILE A 373 21.92 4.86 12.25
C ILE A 373 22.30 5.68 10.99
N PRO A 374 21.77 6.89 10.87
CA PRO A 374 21.99 7.67 9.62
C PRO A 374 23.44 8.14 9.52
N SER A 375 23.84 8.38 8.30
CA SER A 375 25.21 8.67 7.97
C SER A 375 25.25 9.63 6.80
N LEU A 376 26.34 10.41 6.72
CA LEU A 376 26.69 11.16 5.52
C LEU A 376 27.99 10.71 4.83
N ASP A 377 28.51 9.55 5.18
CA ASP A 377 29.75 9.09 4.59
C ASP A 377 29.71 8.89 3.10
N GLU A 378 28.55 8.44 2.58
CA GLU A 378 28.33 8.28 1.13
C GLU A 378 28.51 9.60 0.29
N LEU A 379 28.47 10.77 0.92
CA LEU A 379 28.75 12.01 0.21
C LEU A 379 30.13 12.02 -0.38
N GLN A 380 31.03 11.17 0.11
CA GLN A 380 32.37 11.04 -0.45
C GLN A 380 32.35 10.55 -1.90
N LEU A 381 31.28 9.88 -2.34
CA LEU A 381 31.14 9.45 -3.76
C LEU A 381 31.32 10.61 -4.68
N LEU A 382 30.85 11.80 -4.27
CA LEU A 382 30.92 12.99 -5.16
C LEU A 382 32.33 13.61 -5.35
N ASP A 383 33.32 13.08 -4.62
CA ASP A 383 34.71 13.50 -4.76
C ASP A 383 35.39 12.65 -5.76
N TRP A 384 34.69 11.70 -6.38
CA TRP A 384 35.30 10.78 -7.35
C TRP A 384 36.00 11.58 -8.50
N VAL A 385 35.33 12.63 -8.97
CA VAL A 385 35.89 13.59 -9.96
C VAL A 385 35.64 15.01 -9.48
N PRO A 386 36.36 16.02 -10.00
CA PRO A 386 36.10 17.38 -9.55
C PRO A 386 34.69 17.85 -9.85
N ASN A 387 34.15 18.71 -8.98
CA ASN A 387 32.79 19.23 -9.09
C ASN A 387 31.75 18.11 -9.23
N GLY A 388 31.96 17.02 -8.53
CA GLY A 388 31.29 15.78 -8.82
C GLY A 388 29.79 15.90 -8.51
N GLY A 389 29.00 15.23 -9.33
CA GLY A 389 27.56 15.18 -9.15
C GLY A 389 27.14 13.87 -9.68
N HIS A 390 25.92 13.46 -9.36
CA HIS A 390 25.32 12.31 -10.05
C HIS A 390 23.87 12.53 -10.49
N ILE A 391 23.42 11.63 -11.35
CA ILE A 391 22.03 11.50 -11.76
C ILE A 391 21.69 10.06 -11.55
N GLY A 392 20.46 9.81 -11.12
CA GLY A 392 20.00 8.46 -10.96
C GLY A 392 19.13 7.98 -12.10
N PHE A 393 19.62 6.96 -12.79
CA PHE A 393 18.82 6.21 -13.79
C PHE A 393 18.41 4.92 -13.05
N SER A 394 17.11 4.77 -12.80
CA SER A 394 16.67 3.78 -11.83
C SER A 394 15.62 2.80 -12.32
N PRO A 395 15.98 1.98 -13.30
CA PRO A 395 15.08 0.89 -13.75
C PRO A 395 14.73 -0.13 -12.66
N VAL A 396 13.52 -0.66 -12.76
CA VAL A 396 13.07 -1.80 -12.00
C VAL A 396 13.56 -3.04 -12.71
N SER A 397 14.05 -4.02 -11.96
CA SER A 397 14.44 -5.33 -12.52
C SER A 397 13.66 -6.42 -11.83
N ALA A 398 13.26 -7.44 -12.60
CA ALA A 398 12.96 -8.73 -11.96
C ALA A 398 14.19 -9.27 -11.22
N PRO A 399 13.97 -10.00 -10.13
CA PRO A 399 15.05 -10.61 -9.37
C PRO A 399 15.47 -11.93 -10.10
N ASP A 400 15.94 -11.69 -11.30
CA ASP A 400 16.40 -12.68 -12.24
C ASP A 400 17.76 -12.25 -12.78
N GLY A 401 18.72 -13.18 -12.83
CA GLY A 401 20.09 -12.91 -13.21
C GLY A 401 20.25 -12.49 -14.66
N ARG A 402 19.51 -13.15 -15.54
CA ARG A 402 19.55 -12.81 -16.96
C ARG A 402 19.04 -11.40 -17.22
N GLU A 403 17.91 -11.06 -16.59
CA GLU A 403 17.39 -9.71 -16.64
C GLU A 403 18.37 -8.66 -16.11
N ALA A 404 18.95 -8.92 -14.95
CA ALA A 404 19.89 -7.96 -14.34
C ALA A 404 21.11 -7.78 -15.24
N MET A 405 21.64 -8.89 -15.74
CA MET A 405 22.81 -8.89 -16.62
C MET A 405 22.52 -8.12 -17.88
N LYS A 406 21.34 -8.29 -18.45
CA LYS A 406 20.90 -7.53 -19.62
C LYS A 406 20.85 -6.04 -19.33
N GLN A 407 20.25 -5.67 -18.20
CA GLN A 407 20.26 -4.30 -17.80
C GLN A 407 21.62 -3.73 -17.58
N PHE A 408 22.47 -4.45 -16.88
CA PHE A 408 23.82 -3.97 -16.66
C PHE A 408 24.61 -3.78 -17.97
N GLU A 409 24.54 -4.76 -18.87
CA GLU A 409 25.29 -4.61 -20.16
C GLU A 409 24.76 -3.45 -21.00
N MET A 410 23.45 -3.31 -21.03
CA MET A 410 22.78 -2.23 -21.73
C MET A 410 23.25 -0.88 -21.22
N VAL A 411 23.23 -0.72 -19.89
CA VAL A 411 23.68 0.54 -19.28
C VAL A 411 25.20 0.78 -19.47
N ARG A 412 25.99 -0.25 -19.18
CA ARG A 412 27.47 -0.19 -19.40
C ARG A 412 27.85 0.24 -20.87
N ASN A 413 27.20 -0.36 -21.86
CA ASN A 413 27.44 -0.04 -23.28
C ASN A 413 27.30 1.45 -23.49
N ARG A 414 26.21 2.05 -22.96
CA ARG A 414 25.97 3.47 -23.15
C ARG A 414 26.86 4.31 -22.29
N ALA A 415 27.08 3.90 -21.04
CA ALA A 415 28.02 4.62 -20.16
C ALA A 415 29.39 4.77 -20.89
N ASN A 416 29.88 3.66 -21.41
CA ASN A 416 31.15 3.67 -22.16
C ASN A 416 31.10 4.60 -23.40
N GLU A 417 30.05 4.48 -24.19
CA GLU A 417 29.82 5.33 -25.30
C GLU A 417 29.80 6.81 -24.95
N TYR A 418 29.20 7.20 -23.82
CA TYR A 418 29.22 8.62 -23.48
C TYR A 418 30.28 9.04 -22.47
N ASN A 419 31.26 8.17 -22.23
CA ASN A 419 32.31 8.40 -21.28
C ASN A 419 31.83 8.88 -19.90
N LYS A 420 30.95 8.08 -19.32
CA LYS A 420 30.48 8.34 -17.94
C LYS A 420 30.62 7.06 -17.14
N ASP A 421 31.20 7.18 -15.95
CA ASP A 421 31.37 6.00 -15.09
C ASP A 421 29.99 5.63 -14.52
N TYR A 422 29.71 4.35 -14.54
CA TYR A 422 28.47 3.71 -14.16
C TYR A 422 28.71 3.07 -12.80
N ALA A 423 28.21 3.69 -11.78
CA ALA A 423 28.21 3.09 -10.43
C ALA A 423 26.79 2.39 -10.28
N ALA A 424 26.75 1.13 -9.87
CA ALA A 424 25.49 0.34 -9.75
C ALA A 424 25.18 -0.01 -8.32
N GLN A 425 23.91 0.16 -7.91
CA GLN A 425 23.43 -0.40 -6.64
C GLN A 425 22.09 -1.01 -6.87
N PHE A 426 22.03 -2.35 -6.91
CA PHE A 426 20.80 -3.05 -6.91
C PHE A 426 20.27 -3.06 -5.46
N ILE A 427 19.05 -2.61 -5.31
CA ILE A 427 18.34 -2.56 -4.02
C ILE A 427 17.26 -3.62 -4.08
N ILE A 428 17.39 -4.68 -3.27
CA ILE A 428 16.66 -5.95 -3.48
C ILE A 428 15.48 -6.10 -2.58
N GLY A 429 14.29 -5.91 -3.13
CA GLY A 429 12.98 -6.23 -2.49
C GLY A 429 12.70 -7.71 -2.55
N LEU A 430 11.49 -8.10 -2.17
CA LEU A 430 11.13 -9.51 -2.15
C LEU A 430 11.04 -10.09 -3.54
N ARG A 431 10.38 -9.35 -4.42
CA ARG A 431 10.04 -9.80 -5.78
C ARG A 431 10.53 -8.92 -6.86
N GLU A 432 11.41 -7.97 -6.51
CA GLU A 432 11.93 -7.02 -7.49
C GLU A 432 13.18 -6.37 -6.96
N MET A 433 13.91 -5.75 -7.84
CA MET A 433 15.03 -4.98 -7.55
C MET A 433 14.90 -3.61 -8.13
N HIS A 434 15.36 -2.61 -7.37
CA HIS A 434 15.49 -1.26 -7.88
C HIS A 434 16.94 -1.20 -8.34
N HIS A 435 17.18 -1.09 -9.63
CA HIS A 435 18.53 -1.12 -10.13
C HIS A 435 18.99 0.27 -10.33
N VAL A 436 19.57 0.83 -9.28
CA VAL A 436 19.99 2.20 -9.33
C VAL A 436 21.35 2.37 -10.03
N CYS A 437 21.38 3.22 -11.06
CA CYS A 437 22.56 3.46 -11.86
C CYS A 437 22.91 4.90 -11.58
N LEU A 438 24.02 5.13 -10.90
CA LEU A 438 24.44 6.47 -10.68
C LEU A 438 25.60 6.78 -11.64
N PHE A 439 25.46 7.85 -12.37
CA PHE A 439 26.53 8.26 -13.30
C PHE A 439 27.14 9.48 -12.65
N ILE A 440 28.43 9.41 -12.34
CA ILE A 440 29.09 10.44 -11.64
C ILE A 440 29.92 11.25 -12.63
N TYR A 441 29.80 12.55 -12.56
CA TYR A 441 30.36 13.41 -13.59
C TYR A 441 30.74 14.73 -13.05
N ASP A 442 31.51 15.48 -13.84
CA ASP A 442 31.93 16.84 -13.45
C ASP A 442 30.89 17.82 -13.84
N THR A 443 30.22 18.38 -12.82
CA THR A 443 29.07 19.18 -13.06
C THR A 443 29.40 20.56 -13.71
N ALA A 444 30.66 20.99 -13.58
CA ALA A 444 31.02 22.31 -14.08
C ALA A 444 31.08 22.33 -15.64
N ILE A 445 31.30 21.18 -16.28
CA ILE A 445 31.57 21.09 -17.73
C ILE A 445 30.32 20.91 -18.59
N PRO A 446 30.01 21.88 -19.45
CA PRO A 446 28.73 21.79 -20.15
C PRO A 446 28.58 20.57 -21.05
N GLU A 447 29.68 20.13 -21.66
CA GLU A 447 29.75 18.86 -22.40
C GLU A 447 29.36 17.62 -21.57
N ALA A 448 29.90 17.51 -20.37
CA ALA A 448 29.59 16.40 -19.51
C ALA A 448 28.10 16.43 -19.13
N ARG A 449 27.58 17.59 -18.82
CA ARG A 449 26.19 17.68 -18.43
C ARG A 449 25.23 17.33 -19.58
N GLU A 450 25.61 17.73 -20.81
CA GLU A 450 24.77 17.35 -22.01
C GLU A 450 24.87 15.90 -22.38
N GLU A 451 26.05 15.32 -22.27
CA GLU A 451 26.24 13.89 -22.45
C GLU A 451 25.40 13.07 -21.43
N ILE A 452 25.37 13.54 -20.18
CA ILE A 452 24.52 12.93 -19.14
C ILE A 452 23.08 12.95 -19.57
N LEU A 453 22.60 14.12 -19.95
CA LEU A 453 21.27 14.28 -20.45
C LEU A 453 20.94 13.38 -21.67
N GLN A 454 21.77 13.44 -22.71
CA GLN A 454 21.55 12.62 -23.91
C GLN A 454 21.66 11.16 -23.62
N MET A 455 22.65 10.74 -22.82
CA MET A 455 22.85 9.30 -22.53
C MET A 455 21.61 8.72 -21.77
N THR A 456 21.16 9.50 -20.78
CA THR A 456 20.02 9.05 -19.98
C THR A 456 18.74 9.02 -20.79
N LYS A 457 18.56 9.99 -21.72
CA LYS A 457 17.40 9.90 -22.61
C LYS A 457 17.42 8.62 -23.49
N VAL A 458 18.58 8.29 -24.05
CA VAL A 458 18.74 7.09 -24.81
C VAL A 458 18.44 5.86 -23.95
N LEU A 459 18.94 5.83 -22.70
CA LEU A 459 18.72 4.71 -21.82
C LEU A 459 17.27 4.54 -21.42
N VAL A 460 16.55 5.61 -21.17
CA VAL A 460 15.15 5.52 -20.87
C VAL A 460 14.43 4.83 -22.05
N ARG A 461 14.69 5.35 -23.24
CA ARG A 461 14.08 4.74 -24.46
C ARG A 461 14.45 3.23 -24.66
N GLU A 462 15.71 2.96 -24.59
CA GLU A 462 16.28 1.63 -24.87
C GLU A 462 15.81 0.65 -23.82
N ALA A 463 15.74 1.11 -22.56
CA ALA A 463 15.18 0.23 -21.51
C ALA A 463 13.72 -0.13 -21.74
N ALA A 464 12.93 0.88 -22.09
CA ALA A 464 11.56 0.68 -22.38
C ALA A 464 11.31 -0.21 -23.61
N GLU A 465 12.14 -0.08 -24.64
CA GLU A 465 12.11 -1.02 -25.76
C GLU A 465 12.35 -2.45 -25.33
N ALA A 466 13.11 -2.65 -24.23
CA ALA A 466 13.40 -3.97 -23.69
C ALA A 466 12.39 -4.37 -22.62
N GLY A 467 11.37 -3.53 -22.40
CA GLY A 467 10.32 -3.78 -21.43
C GLY A 467 10.63 -3.35 -20.00
N TYR A 468 11.57 -2.44 -19.81
CA TYR A 468 11.94 -2.00 -18.42
C TYR A 468 11.54 -0.57 -18.23
N GLY A 469 11.00 -0.24 -17.04
CA GLY A 469 10.68 1.13 -16.73
C GLY A 469 11.33 1.56 -15.42
N GLU A 470 11.36 2.89 -15.22
CA GLU A 470 12.06 3.50 -14.09
C GLU A 470 11.08 3.70 -12.92
N TYR A 471 11.55 3.50 -11.69
CA TYR A 471 10.70 3.66 -10.46
C TYR A 471 10.62 5.11 -10.01
N ARG A 472 11.60 5.93 -10.47
CA ARG A 472 11.84 7.28 -9.98
C ARG A 472 12.80 7.96 -10.94
N THR A 473 12.69 9.27 -11.11
CA THR A 473 13.58 9.93 -12.05
C THR A 473 13.77 11.37 -11.83
N HIS A 474 14.75 11.92 -12.57
CA HIS A 474 15.17 13.32 -12.51
C HIS A 474 14.17 14.22 -13.27
N ASN A 475 13.99 15.42 -12.76
CA ASN A 475 13.24 16.51 -13.45
C ASN A 475 13.34 16.43 -15.01
N ALA A 476 14.57 16.36 -15.48
CA ALA A 476 14.91 16.31 -16.92
C ALA A 476 14.38 15.13 -17.69
N LEU A 477 14.03 14.06 -16.99
CA LEU A 477 13.58 12.85 -17.61
C LEU A 477 12.14 12.51 -17.36
N MET A 478 11.42 13.36 -16.60
CA MET A 478 10.11 12.94 -16.15
C MET A 478 9.11 12.75 -17.33
N ASP A 479 9.15 13.67 -18.30
CA ASP A 479 8.31 13.56 -19.51
C ASP A 479 8.67 12.23 -20.25
N ASP A 480 9.93 11.97 -20.46
CA ASP A 480 10.35 10.81 -21.18
C ASP A 480 10.00 9.54 -20.50
N VAL A 481 10.17 9.51 -19.16
CA VAL A 481 9.81 8.32 -18.41
C VAL A 481 8.28 8.08 -18.44
N MET A 482 7.48 9.11 -18.19
CA MET A 482 6.09 8.94 -18.22
C MET A 482 5.54 8.49 -19.61
N ALA A 483 6.20 8.97 -20.65
CA ALA A 483 5.91 8.58 -22.03
C ALA A 483 6.15 7.06 -22.29
N THR A 484 6.99 6.41 -21.48
CA THR A 484 7.17 4.99 -21.61
C THR A 484 6.03 4.18 -21.02
N PHE A 485 5.27 4.75 -20.08
CA PHE A 485 4.20 4.02 -19.43
C PHE A 485 2.87 4.21 -20.19
N ASN A 486 2.95 3.96 -21.50
CA ASN A 486 1.88 4.33 -22.41
C ASN A 486 1.02 3.11 -22.93
N TRP A 487 0.84 2.08 -22.10
CA TRP A 487 -0.07 0.98 -22.45
C TRP A 487 -1.44 1.57 -22.70
N GLY A 488 -2.15 1.04 -23.70
CA GLY A 488 -3.55 1.42 -23.89
C GLY A 488 -3.63 2.82 -24.41
N ASP A 489 -2.66 3.16 -25.28
CA ASP A 489 -2.64 4.50 -25.83
C ASP A 489 -2.47 5.67 -24.85
N GLY A 490 -1.57 5.49 -23.88
CA GLY A 490 -1.34 6.49 -22.87
C GLY A 490 -2.48 6.66 -21.90
N ALA A 491 -3.13 5.56 -21.54
CA ALA A 491 -4.26 5.60 -20.61
C ALA A 491 -3.90 6.13 -19.22
N LEU A 492 -2.74 5.68 -18.70
CA LEU A 492 -2.36 6.04 -17.30
C LEU A 492 -2.21 7.52 -17.20
N LEU A 493 -1.46 8.09 -18.14
CA LEU A 493 -1.28 9.57 -18.16
C LEU A 493 -2.57 10.36 -18.31
N LYS A 494 -3.44 9.89 -19.21
CA LYS A 494 -4.76 10.57 -19.38
C LYS A 494 -5.54 10.54 -18.11
N PHE A 495 -5.51 9.42 -17.43
CA PHE A 495 -6.18 9.33 -16.08
C PHE A 495 -5.61 10.34 -15.04
N HIS A 496 -4.28 10.37 -14.95
CA HIS A 496 -3.60 11.35 -14.06
C HIS A 496 -3.98 12.78 -14.39
N GLU A 497 -3.97 13.14 -15.67
CA GLU A 497 -4.28 14.48 -16.16
C GLU A 497 -5.71 14.88 -15.75
N LYS A 498 -6.67 13.93 -15.88
CA LYS A 498 -8.04 14.22 -15.52
C LYS A 498 -8.17 14.52 -14.06
N ILE A 499 -7.50 13.75 -13.21
CA ILE A 499 -7.58 14.03 -11.76
C ILE A 499 -6.91 15.35 -11.38
N LYS A 500 -5.77 15.59 -12.01
CA LYS A 500 -5.01 16.80 -11.87
C LYS A 500 -5.87 18.01 -12.22
N ASP A 501 -6.53 17.96 -13.38
CA ASP A 501 -7.35 19.10 -13.76
C ASP A 501 -8.53 19.26 -12.85
N ALA A 502 -9.09 18.15 -12.34
CA ALA A 502 -10.21 18.29 -11.42
C ALA A 502 -9.84 18.90 -10.06
N LEU A 503 -8.72 18.50 -9.49
CA LEU A 503 -8.29 19.01 -8.18
C LEU A 503 -7.54 20.33 -8.29
N ASP A 504 -6.95 20.56 -9.43
CA ASP A 504 -6.09 21.75 -9.62
C ASP A 504 -6.55 22.53 -10.85
N PRO A 505 -7.76 23.10 -10.79
CA PRO A 505 -8.32 23.81 -11.98
C PRO A 505 -7.47 24.97 -12.46
N ASN A 506 -6.73 25.60 -11.55
CA ASN A 506 -5.85 26.66 -11.93
C ASN A 506 -4.40 26.26 -12.29
N GLY A 507 -4.04 24.96 -12.22
CA GLY A 507 -2.70 24.50 -12.61
C GLY A 507 -1.55 25.04 -11.73
N ILE A 508 -1.74 25.00 -10.42
CA ILE A 508 -0.80 25.61 -9.49
C ILE A 508 0.32 24.67 -8.97
N ILE A 509 0.04 23.42 -8.62
CA ILE A 509 0.99 22.59 -7.90
C ILE A 509 1.90 21.82 -8.83
N ALA A 510 3.22 22.00 -8.61
CA ALA A 510 4.34 21.37 -9.29
C ALA A 510 4.05 20.87 -10.65
N PRO A 511 3.78 21.82 -11.57
CA PRO A 511 3.42 21.34 -12.90
C PRO A 511 4.53 20.54 -13.52
N GLY A 512 4.19 19.39 -14.10
CA GLY A 512 5.20 18.56 -14.76
C GLY A 512 5.79 17.45 -13.96
N LYS A 513 5.56 17.45 -12.65
CA LYS A 513 5.99 16.34 -11.80
C LYS A 513 5.42 15.06 -12.39
N SER A 514 6.29 14.10 -12.50
CA SER A 514 5.95 12.80 -13.07
C SER A 514 5.33 12.88 -14.50
N GLY A 515 5.64 13.94 -15.25
CA GLY A 515 5.19 14.16 -16.65
C GLY A 515 3.76 14.61 -16.67
N ILE A 516 3.20 15.05 -15.52
CA ILE A 516 1.78 15.36 -15.40
C ILE A 516 1.64 16.91 -15.32
N TRP A 517 1.16 17.47 -16.43
CA TRP A 517 1.03 18.87 -16.60
C TRP A 517 -0.43 19.17 -16.59
N SER A 518 -0.79 20.23 -15.92
CA SER A 518 -2.18 20.62 -15.97
C SER A 518 -2.50 21.27 -17.39
N GLN A 519 -3.77 21.38 -17.67
CA GLN A 519 -4.28 21.86 -18.99
C GLN A 519 -3.58 23.11 -19.46
N ARG A 520 -3.36 24.08 -18.56
CA ARG A 520 -2.78 25.34 -19.03
C ARG A 520 -1.36 25.29 -19.55
N PHE A 521 -0.62 24.25 -19.20
CA PHE A 521 0.75 24.03 -19.63
C PHE A 521 0.94 22.94 -20.66
N ARG A 522 -0.06 22.12 -20.90
CA ARG A 522 0.15 20.97 -21.79
C ARG A 522 0.46 21.41 -23.21
N GLY A 523 1.47 20.74 -23.77
CA GLY A 523 1.88 21.00 -25.14
C GLY A 523 2.87 22.12 -25.30
N GLN A 524 3.12 22.90 -24.23
CA GLN A 524 4.02 24.04 -24.34
C GLN A 524 5.51 23.76 -24.34
N ASN A 525 5.88 22.54 -24.00
CA ASN A 525 7.31 22.17 -23.97
C ASN A 525 8.06 23.05 -22.92
N LEU A 526 7.39 23.29 -21.77
CA LEU A 526 7.78 24.07 -20.56
C LEU A 526 7.18 25.48 -20.50
N THR B 2 -44.41 -4.23 -9.66
CA THR B 2 -43.73 -3.05 -10.27
C THR B 2 -42.38 -3.54 -10.78
N ARG B 3 -42.12 -3.43 -12.08
CA ARG B 3 -40.82 -3.85 -12.68
C ARG B 3 -39.69 -2.95 -12.15
N THR B 4 -38.50 -3.47 -11.80
CA THR B 4 -37.48 -2.54 -11.25
C THR B 4 -36.76 -1.81 -12.38
N LEU B 5 -36.68 -0.49 -12.28
CA LEU B 5 -36.17 0.30 -13.39
C LEU B 5 -35.06 1.21 -12.92
N PRO B 6 -34.01 1.37 -13.72
CA PRO B 6 -33.02 2.42 -13.42
C PRO B 6 -33.68 3.74 -13.19
N PRO B 7 -33.19 4.57 -12.27
CA PRO B 7 -33.86 5.84 -11.98
C PRO B 7 -33.99 6.76 -13.20
N GLY B 8 -35.20 7.28 -13.49
CA GLY B 8 -35.41 8.20 -14.67
C GLY B 8 -35.35 7.53 -16.04
N VAL B 9 -35.29 6.20 -16.09
CA VAL B 9 -35.16 5.52 -17.36
C VAL B 9 -36.49 4.79 -17.58
N SER B 10 -37.09 5.02 -18.75
CA SER B 10 -38.42 4.49 -19.05
C SER B 10 -38.36 2.99 -19.34
N ASP B 11 -39.52 2.34 -19.29
CA ASP B 11 -39.68 0.93 -19.72
C ASP B 11 -39.11 0.71 -21.13
N GLU B 12 -39.41 1.66 -22.03
CA GLU B 12 -38.99 1.65 -23.44
C GLU B 12 -37.45 1.70 -23.57
N ARG B 13 -36.86 2.74 -22.94
CA ARG B 13 -35.39 2.98 -22.96
C ARG B 13 -34.65 1.81 -22.29
N PHE B 14 -35.16 1.37 -21.14
CA PHE B 14 -34.56 0.21 -20.52
C PHE B 14 -34.55 -1.03 -21.43
N ASP B 15 -35.70 -1.30 -22.09
CA ASP B 15 -35.86 -2.46 -23.00
C ASP B 15 -34.84 -2.41 -24.12
N ALA B 16 -34.62 -1.21 -24.64
CA ALA B 16 -33.64 -0.99 -25.74
C ALA B 16 -32.18 -1.23 -25.26
N ALA B 17 -31.89 -0.73 -24.07
CA ALA B 17 -30.58 -0.96 -23.47
C ALA B 17 -30.36 -2.47 -23.25
N LEU B 18 -31.37 -3.19 -22.70
CA LEU B 18 -31.22 -4.63 -22.53
C LEU B 18 -30.77 -5.33 -23.84
N GLN B 19 -31.33 -4.84 -24.94
CA GLN B 19 -31.10 -5.41 -26.24
C GLN B 19 -29.69 -5.11 -26.68
N ARG B 20 -29.25 -3.87 -26.40
CA ARG B 20 -27.87 -3.49 -26.69
C ARG B 20 -26.87 -4.36 -25.88
N PHE B 21 -27.20 -4.59 -24.62
CA PHE B 21 -26.42 -5.45 -23.77
C PHE B 21 -26.38 -6.84 -24.31
N ARG B 22 -27.53 -7.37 -24.75
CA ARG B 22 -27.52 -8.73 -25.29
C ARG B 22 -26.68 -8.81 -26.55
N ASP B 23 -26.63 -7.75 -27.34
CA ASP B 23 -25.76 -7.76 -28.51
C ASP B 23 -24.29 -7.94 -28.10
N VAL B 24 -23.87 -7.40 -26.96
CA VAL B 24 -22.46 -7.45 -26.56
C VAL B 24 -22.14 -8.84 -26.01
N VAL B 25 -22.91 -9.28 -25.05
CA VAL B 25 -22.57 -10.47 -24.24
C VAL B 25 -23.26 -11.76 -24.69
N GLY B 26 -24.30 -11.63 -25.53
CA GLY B 26 -25.11 -12.79 -25.92
C GLY B 26 -26.37 -12.85 -25.09
N ASP B 27 -27.38 -13.49 -25.64
CA ASP B 27 -28.71 -13.61 -24.96
C ASP B 27 -28.79 -14.25 -23.60
N LYS B 28 -28.10 -15.38 -23.45
CA LYS B 28 -28.09 -16.16 -22.19
C LYS B 28 -27.58 -15.31 -21.00
N TRP B 29 -26.81 -14.28 -21.30
CA TRP B 29 -25.91 -13.70 -20.27
C TRP B 29 -26.40 -12.36 -19.80
N VAL B 30 -27.69 -12.09 -20.02
CA VAL B 30 -28.40 -10.91 -19.56
C VAL B 30 -29.63 -11.50 -18.92
N LEU B 31 -29.81 -11.24 -17.63
CA LEU B 31 -31.01 -11.63 -16.89
C LEU B 31 -31.84 -10.39 -16.61
N SER B 32 -33.16 -10.47 -16.71
CA SER B 32 -34.06 -9.31 -16.45
C SER B 32 -35.47 -9.60 -15.89
N THR B 33 -35.82 -10.87 -15.71
CA THR B 33 -37.14 -11.23 -15.20
C THR B 33 -37.07 -11.30 -13.70
N ALA B 34 -38.19 -10.98 -13.04
CA ALA B 34 -38.30 -11.06 -11.59
C ALA B 34 -37.74 -12.37 -11.02
N ASP B 35 -38.10 -13.53 -11.58
CA ASP B 35 -37.62 -14.83 -11.04
C ASP B 35 -36.09 -14.94 -11.08
N GLU B 36 -35.47 -14.51 -12.17
CA GLU B 36 -34.02 -14.61 -12.33
C GLU B 36 -33.27 -13.67 -11.35
N LEU B 37 -33.89 -12.52 -11.05
CA LEU B 37 -33.25 -11.46 -10.26
C LEU B 37 -33.35 -11.71 -8.80
N GLU B 38 -34.23 -12.63 -8.39
CA GLU B 38 -34.37 -13.00 -6.96
C GLU B 38 -33.10 -13.50 -6.35
N ALA B 39 -32.36 -14.29 -7.12
CA ALA B 39 -31.06 -14.83 -6.72
C ALA B 39 -29.94 -13.78 -6.45
N PHE B 40 -30.17 -12.53 -6.87
CA PHE B 40 -29.22 -11.40 -6.74
C PHE B 40 -29.66 -10.35 -5.75
N ARG B 41 -30.73 -10.64 -5.02
CA ARG B 41 -31.14 -9.85 -3.87
C ARG B 41 -30.20 -10.17 -2.73
N ASP B 42 -30.07 -9.26 -1.78
CA ASP B 42 -29.25 -9.49 -0.62
C ASP B 42 -29.75 -10.75 0.06
N PRO B 43 -28.87 -11.76 0.31
CA PRO B 43 -29.40 -12.92 1.04
C PRO B 43 -29.74 -12.62 2.49
N TYR B 44 -29.22 -11.51 3.05
CA TYR B 44 -29.37 -11.26 4.46
C TYR B 44 -29.91 -9.84 4.49
N PRO B 45 -31.19 -9.68 4.11
CA PRO B 45 -31.73 -8.32 3.99
C PRO B 45 -31.81 -7.59 5.34
N VAL B 46 -31.61 -6.29 5.27
CA VAL B 46 -31.55 -5.41 6.40
C VAL B 46 -32.63 -4.38 6.21
N GLY B 47 -33.37 -4.09 7.29
CA GLY B 47 -34.57 -3.23 7.26
C GLY B 47 -35.82 -3.92 6.71
N ALA B 48 -36.99 -3.46 7.17
CA ALA B 48 -38.27 -4.08 6.81
C ALA B 48 -38.58 -3.91 5.34
N ALA B 49 -38.41 -2.68 4.82
CA ALA B 49 -38.71 -2.35 3.42
C ALA B 49 -37.69 -2.97 2.46
N GLU B 50 -38.13 -3.35 1.26
CA GLU B 50 -37.23 -3.90 0.26
C GLU B 50 -36.24 -2.77 -0.18
N ALA B 51 -35.03 -3.11 -0.46
CA ALA B 51 -34.02 -2.11 -0.79
C ALA B 51 -33.07 -2.79 -1.75
N ASN B 52 -32.21 -2.03 -2.41
CA ASN B 52 -31.10 -2.68 -3.17
C ASN B 52 -31.57 -3.64 -4.25
N LEU B 53 -32.55 -3.19 -5.06
CA LEU B 53 -33.12 -4.04 -6.12
C LEU B 53 -32.42 -3.89 -7.44
N PRO B 54 -31.94 -5.01 -8.01
CA PRO B 54 -31.29 -4.87 -9.29
C PRO B 54 -32.32 -4.80 -10.42
N SER B 55 -32.04 -4.08 -11.49
CA SER B 55 -32.90 -4.06 -12.66
C SER B 55 -32.54 -5.14 -13.70
N ALA B 56 -31.31 -5.67 -13.61
CA ALA B 56 -30.82 -6.65 -14.56
C ALA B 56 -29.42 -7.14 -14.07
N VAL B 57 -28.97 -8.22 -14.65
CA VAL B 57 -27.63 -8.71 -14.44
C VAL B 57 -27.03 -8.95 -15.85
N VAL B 58 -25.80 -8.47 -16.07
CA VAL B 58 -25.07 -8.67 -17.31
C VAL B 58 -23.75 -9.38 -17.03
N SER B 59 -23.46 -10.46 -17.77
CA SER B 59 -22.27 -11.27 -17.53
C SER B 59 -21.33 -11.28 -18.68
N PRO B 60 -20.32 -10.36 -18.68
CA PRO B 60 -19.42 -10.28 -19.77
C PRO B 60 -18.39 -11.37 -19.68
N GLU B 61 -17.83 -11.73 -20.83
CA GLU B 61 -16.76 -12.73 -20.88
C GLU B 61 -15.35 -12.16 -21.13
N SER B 62 -15.23 -10.85 -21.33
CA SER B 62 -13.98 -10.21 -21.71
C SER B 62 -13.94 -8.76 -21.31
N THR B 63 -12.73 -8.21 -21.26
CA THR B 63 -12.59 -6.79 -20.97
C THR B 63 -13.24 -5.94 -22.04
N GLU B 64 -13.07 -6.32 -23.31
CA GLU B 64 -13.69 -5.56 -24.40
C GLU B 64 -15.19 -5.48 -24.21
N GLN B 65 -15.81 -6.56 -23.83
CA GLN B 65 -17.26 -6.54 -23.58
C GLN B 65 -17.61 -5.63 -22.42
N VAL B 66 -16.79 -5.65 -21.35
CA VAL B 66 -17.00 -4.73 -20.22
C VAL B 66 -16.95 -3.28 -20.70
N GLN B 67 -16.01 -2.95 -21.60
CA GLN B 67 -15.91 -1.60 -22.13
C GLN B 67 -17.19 -1.20 -22.91
N ASP B 68 -17.69 -2.11 -23.75
CA ASP B 68 -18.92 -1.83 -24.53
C ASP B 68 -20.15 -1.69 -23.65
N ILE B 69 -20.30 -2.57 -22.66
CA ILE B 69 -21.34 -2.39 -21.66
C ILE B 69 -21.30 -1.04 -21.00
N VAL B 70 -20.09 -0.64 -20.58
CA VAL B 70 -19.96 0.67 -20.00
C VAL B 70 -20.35 1.76 -20.98
N ARG B 71 -19.91 1.69 -22.21
CA ARG B 71 -20.32 2.71 -23.21
C ARG B 71 -21.85 2.81 -23.40
N ILE B 72 -22.51 1.67 -23.49
CA ILE B 72 -23.97 1.59 -23.58
C ILE B 72 -24.63 2.26 -22.39
N ALA B 73 -24.15 1.91 -21.19
CA ALA B 73 -24.66 2.49 -19.96
C ALA B 73 -24.55 4.00 -19.91
N ASN B 74 -23.41 4.53 -20.37
CA ASN B 74 -23.23 5.96 -20.48
C ASN B 74 -24.33 6.61 -21.41
N GLU B 75 -24.51 6.06 -22.61
CA GLU B 75 -25.53 6.57 -23.57
C GLU B 75 -26.93 6.65 -22.97
N TYR B 76 -27.34 5.65 -22.21
CA TYR B 76 -28.71 5.55 -21.61
C TYR B 76 -28.81 6.11 -20.22
N GLY B 77 -27.68 6.42 -19.58
CA GLY B 77 -27.75 6.83 -18.19
C GLY B 77 -28.09 5.69 -17.22
N ILE B 78 -27.70 4.49 -17.55
CA ILE B 78 -27.97 3.36 -16.69
C ILE B 78 -26.82 3.05 -15.69
N PRO B 79 -27.12 3.02 -14.38
CA PRO B 79 -26.10 2.66 -13.41
C PRO B 79 -25.69 1.22 -13.48
N LEU B 80 -24.40 0.99 -13.27
CA LEU B 80 -23.77 -0.30 -13.33
C LEU B 80 -23.06 -0.56 -12.03
N SER B 81 -23.41 -1.66 -11.37
CA SER B 81 -22.85 -2.11 -10.13
C SER B 81 -21.98 -3.38 -10.34
N PRO B 82 -20.63 -3.19 -10.46
CA PRO B 82 -19.74 -4.35 -10.70
C PRO B 82 -19.56 -5.21 -9.48
N VAL B 83 -19.53 -6.51 -9.68
CA VAL B 83 -19.22 -7.49 -8.66
C VAL B 83 -18.33 -8.53 -9.34
N SER B 84 -17.65 -9.32 -8.51
CA SER B 84 -16.81 -10.39 -8.99
C SER B 84 -17.70 -11.68 -8.92
N THR B 85 -17.72 -12.35 -7.79
CA THR B 85 -18.58 -13.51 -7.52
C THR B 85 -19.84 -13.06 -6.79
N GLY B 86 -19.80 -11.88 -6.19
CA GLY B 86 -21.00 -11.34 -5.56
C GLY B 86 -21.38 -12.06 -4.28
N LYS B 87 -20.40 -12.50 -3.48
CA LYS B 87 -20.68 -13.16 -2.23
C LYS B 87 -20.34 -12.28 -1.05
N ASN B 88 -20.51 -10.97 -1.19
CA ASN B 88 -20.23 -10.03 -0.09
C ASN B 88 -21.31 -10.06 0.98
N ASN B 89 -21.60 -11.26 1.44
CA ASN B 89 -22.68 -11.44 2.38
C ASN B 89 -22.27 -10.88 3.75
N GLY B 90 -23.20 -10.20 4.39
CA GLY B 90 -22.93 -9.46 5.62
C GLY B 90 -22.82 -7.97 5.32
N TYR B 91 -22.56 -7.64 4.04
CA TYR B 91 -22.42 -6.29 3.52
C TYR B 91 -23.32 -5.94 2.32
N GLY B 92 -24.22 -6.87 1.97
CA GLY B 92 -25.16 -6.69 0.84
C GLY B 92 -25.27 -7.78 -0.20
N GLY B 93 -24.33 -8.72 -0.21
CA GLY B 93 -24.37 -9.81 -1.15
C GLY B 93 -24.00 -9.25 -2.51
N ALA B 94 -24.72 -9.60 -3.59
CA ALA B 94 -24.48 -8.98 -4.87
C ALA B 94 -25.26 -7.70 -5.09
N ALA B 95 -26.10 -7.34 -4.15
CA ALA B 95 -27.11 -6.33 -4.39
C ALA B 95 -26.50 -4.96 -4.50
N PRO B 96 -27.00 -4.14 -5.46
CA PRO B 96 -26.49 -2.78 -5.65
C PRO B 96 -26.89 -1.81 -4.55
N ARG B 97 -26.01 -0.83 -4.28
CA ARG B 97 -26.39 0.15 -3.32
C ARG B 97 -27.64 0.91 -3.82
N LEU B 98 -27.69 1.24 -5.09
CA LEU B 98 -28.77 2.02 -5.69
C LEU B 98 -29.69 1.07 -6.48
N SER B 99 -30.91 0.98 -5.96
CA SER B 99 -32.02 0.25 -6.65
C SER B 99 -32.20 0.69 -8.06
N GLY B 100 -32.30 -0.26 -8.99
CA GLY B 100 -32.40 0.07 -10.41
C GLY B 100 -31.12 -0.09 -11.17
N SER B 101 -30.01 -0.28 -10.44
CA SER B 101 -28.71 -0.52 -11.12
C SER B 101 -28.68 -1.92 -11.73
N VAL B 102 -27.98 -2.03 -12.84
CA VAL B 102 -27.63 -3.30 -13.47
C VAL B 102 -26.39 -3.87 -12.79
N ILE B 103 -26.40 -5.13 -12.35
CA ILE B 103 -25.20 -5.79 -11.83
C ILE B 103 -24.37 -6.22 -13.03
N VAL B 104 -23.07 -5.94 -13.00
CA VAL B 104 -22.12 -6.45 -13.96
C VAL B 104 -21.37 -7.53 -13.20
N LYS B 105 -21.71 -8.81 -13.46
CA LYS B 105 -21.19 -9.91 -12.70
C LYS B 105 -20.00 -10.42 -13.50
N THR B 106 -18.85 -9.79 -13.21
CA THR B 106 -17.70 -10.03 -14.06
C THR B 106 -17.27 -11.50 -13.91
N GLY B 107 -17.45 -12.07 -12.75
CA GLY B 107 -16.84 -13.35 -12.45
C GLY B 107 -17.50 -14.61 -13.02
N GLU B 108 -18.77 -14.47 -13.40
CA GLU B 108 -19.53 -15.56 -14.07
C GLU B 108 -18.71 -16.13 -15.20
N ARG B 109 -18.22 -15.32 -16.12
CA ARG B 109 -17.42 -15.81 -17.23
C ARG B 109 -15.98 -15.36 -17.28
N MET B 110 -15.62 -14.29 -16.59
CA MET B 110 -14.17 -13.92 -16.53
C MET B 110 -13.65 -14.57 -15.27
N ASN B 111 -13.30 -15.84 -15.40
CA ASN B 111 -12.95 -16.64 -14.27
C ASN B 111 -11.64 -17.34 -14.50
N ARG B 112 -10.79 -16.82 -15.39
CA ARG B 112 -9.54 -17.50 -15.70
C ARG B 112 -8.40 -17.13 -14.74
N ILE B 113 -7.66 -18.16 -14.36
CA ILE B 113 -6.38 -18.03 -13.76
C ILE B 113 -5.39 -17.75 -14.90
N LEU B 114 -4.96 -16.49 -15.01
CA LEU B 114 -4.16 -16.11 -16.13
C LEU B 114 -2.74 -16.54 -15.97
N GLU B 115 -2.21 -16.48 -14.74
CA GLU B 115 -0.84 -16.91 -14.45
C GLU B 115 -0.70 -17.23 -12.97
N VAL B 116 -0.06 -18.34 -12.68
CA VAL B 116 0.55 -18.54 -11.37
C VAL B 116 2.03 -18.73 -11.62
N ASN B 117 2.84 -17.83 -11.05
CA ASN B 117 4.25 -17.86 -11.24
C ASN B 117 4.88 -18.40 -9.99
N GLU B 118 5.42 -19.64 -10.08
CA GLU B 118 6.04 -20.35 -8.98
C GLU B 118 7.34 -19.71 -8.50
N LYS B 119 8.17 -19.25 -9.42
CA LYS B 119 9.46 -18.69 -9.12
C LYS B 119 9.28 -17.33 -8.29
N TYR B 120 8.44 -16.43 -8.77
CA TYR B 120 8.27 -15.10 -8.15
C TYR B 120 7.12 -15.05 -7.18
N GLY B 121 6.44 -16.16 -7.02
CA GLY B 121 5.36 -16.31 -6.05
C GLY B 121 4.26 -15.27 -6.24
N TYR B 122 3.52 -15.36 -7.34
CA TYR B 122 2.32 -14.54 -7.54
C TYR B 122 1.28 -15.21 -8.46
N ALA B 123 0.07 -14.62 -8.51
CA ALA B 123 -1.00 -15.01 -9.43
C ALA B 123 -1.55 -13.79 -10.11
N LEU B 124 -1.89 -13.89 -11.41
CA LEU B 124 -2.65 -12.87 -12.11
C LEU B 124 -4.01 -13.51 -12.38
N LEU B 125 -5.05 -12.84 -11.91
CA LEU B 125 -6.35 -13.45 -11.83
C LEU B 125 -7.42 -12.60 -12.43
N GLU B 126 -8.44 -13.27 -13.02
CA GLU B 126 -9.72 -12.63 -13.40
C GLU B 126 -10.63 -12.70 -12.19
N PRO B 127 -11.70 -11.90 -12.20
CA PRO B 127 -12.46 -11.78 -10.97
C PRO B 127 -13.25 -13.02 -10.54
N GLY B 128 -13.49 -13.92 -11.51
CA GLY B 128 -14.27 -15.10 -11.20
C GLY B 128 -13.52 -16.19 -10.48
N VAL B 129 -12.19 -16.05 -10.33
CA VAL B 129 -11.44 -17.02 -9.60
C VAL B 129 -11.81 -16.98 -8.11
N THR B 130 -12.39 -18.07 -7.62
CA THR B 130 -12.64 -18.21 -6.19
C THR B 130 -11.41 -18.77 -5.47
N TYR B 131 -11.43 -18.68 -4.17
CA TYR B 131 -10.37 -19.28 -3.38
C TYR B 131 -10.31 -20.81 -3.57
N PHE B 132 -11.46 -21.48 -3.72
CA PHE B 132 -11.50 -22.92 -4.01
C PHE B 132 -10.84 -23.21 -5.35
N ASP B 133 -11.06 -22.34 -6.33
CA ASP B 133 -10.48 -22.50 -7.66
C ASP B 133 -9.02 -22.39 -7.62
N LEU B 134 -8.52 -21.35 -6.91
CA LEU B 134 -7.10 -21.17 -6.83
C LEU B 134 -6.45 -22.30 -6.04
N TYR B 135 -7.08 -22.71 -4.94
CA TYR B 135 -6.62 -23.88 -4.16
C TYR B 135 -6.46 -25.15 -5.04
N GLU B 136 -7.48 -25.43 -5.82
CA GLU B 136 -7.45 -26.60 -6.76
C GLU B 136 -6.32 -26.50 -7.77
N TYR B 137 -6.06 -25.30 -8.30
CA TYR B 137 -4.97 -25.06 -9.22
C TYR B 137 -3.64 -25.40 -8.55
N LEU B 138 -3.40 -24.78 -7.38
CA LEU B 138 -2.16 -24.97 -6.67
C LEU B 138 -1.92 -26.45 -6.31
N GLN B 139 -2.91 -27.11 -5.78
CA GLN B 139 -2.84 -28.59 -5.50
C GLN B 139 -2.52 -29.44 -6.71
N SER B 140 -3.25 -29.24 -7.80
CA SER B 140 -3.02 -29.90 -9.09
C SER B 140 -1.65 -29.78 -9.68
N HIS B 141 -0.99 -28.64 -9.48
CA HIS B 141 0.31 -28.35 -10.06
C HIS B 141 1.37 -28.66 -9.08
N ASP B 142 0.96 -29.13 -7.92
CA ASP B 142 1.85 -29.46 -6.84
C ASP B 142 2.64 -28.18 -6.45
N SER B 143 1.96 -27.04 -6.40
CA SER B 143 2.69 -25.75 -6.12
C SER B 143 3.46 -25.72 -4.77
N GLY B 144 4.51 -24.93 -4.69
CA GLY B 144 5.10 -24.59 -3.41
C GLY B 144 4.52 -23.35 -2.74
N LEU B 145 3.44 -22.80 -3.32
CA LEU B 145 2.77 -21.59 -2.89
C LEU B 145 1.52 -21.93 -2.16
N MET B 146 1.09 -21.02 -1.27
CA MET B 146 -0.17 -21.13 -0.64
C MET B 146 -0.94 -19.81 -0.80
N LEU B 147 -2.26 -19.91 -0.77
CA LEU B 147 -3.09 -18.70 -0.78
C LEU B 147 -3.40 -18.23 0.64
N ASP B 148 -4.11 -17.13 0.68
CA ASP B 148 -4.62 -16.58 1.93
C ASP B 148 -6.10 -16.37 1.69
N CYS B 149 -6.92 -17.09 2.46
CA CYS B 149 -8.36 -17.02 2.27
C CYS B 149 -9.07 -16.45 3.50
N PRO B 150 -10.19 -15.79 3.29
CA PRO B 150 -11.10 -15.44 4.34
C PRO B 150 -11.80 -16.70 4.92
N ASP B 151 -12.72 -16.51 5.86
CA ASP B 151 -13.43 -17.62 6.51
C ASP B 151 -14.22 -18.53 5.54
N LEU B 152 -14.74 -17.97 4.41
CA LEU B 152 -15.54 -18.64 3.40
C LEU B 152 -14.83 -18.60 2.07
N GLY B 153 -14.58 -19.77 1.49
CA GLY B 153 -13.75 -19.94 0.27
C GLY B 153 -14.41 -19.68 -1.05
N TRP B 154 -15.73 -19.43 -1.02
CA TRP B 154 -16.52 -19.30 -2.20
C TRP B 154 -16.47 -17.91 -2.81
N GLY B 155 -15.88 -16.96 -2.10
CA GLY B 155 -15.61 -15.66 -2.67
C GLY B 155 -14.48 -15.61 -3.67
N SER B 156 -14.21 -14.37 -4.07
CA SER B 156 -13.33 -14.04 -5.18
C SER B 156 -12.03 -13.54 -4.60
N VAL B 157 -10.91 -14.07 -5.09
CA VAL B 157 -9.61 -13.52 -4.65
C VAL B 157 -9.62 -11.98 -4.90
N VAL B 158 -10.06 -11.59 -6.08
CA VAL B 158 -10.12 -10.21 -6.52
C VAL B 158 -11.18 -9.40 -5.80
N GLY B 159 -12.41 -9.94 -5.79
CA GLY B 159 -13.51 -9.27 -5.16
C GLY B 159 -13.31 -8.91 -3.74
N ASN B 160 -12.82 -9.90 -2.99
CA ASN B 160 -12.51 -9.65 -1.60
C ASN B 160 -11.41 -8.53 -1.42
N THR B 161 -10.39 -8.60 -2.26
CA THR B 161 -9.29 -7.63 -2.21
C THR B 161 -9.85 -6.25 -2.53
N LEU B 162 -10.78 -6.16 -3.50
CA LEU B 162 -11.38 -4.86 -3.83
C LEU B 162 -12.24 -4.22 -2.74
N ASP B 163 -12.70 -5.01 -1.79
CA ASP B 163 -13.32 -4.46 -0.58
C ASP B 163 -12.40 -4.38 0.64
N ARG B 164 -11.09 -4.62 0.45
CA ARG B 164 -10.07 -4.65 1.48
C ARG B 164 -10.42 -5.60 2.57
N GLY B 165 -10.84 -6.78 2.11
CA GLY B 165 -11.11 -7.91 2.98
C GLY B 165 -9.82 -8.55 3.43
N VAL B 166 -9.96 -9.54 4.32
CA VAL B 166 -8.81 -10.01 5.12
C VAL B 166 -8.83 -11.52 5.27
N GLY B 167 -7.68 -12.11 5.31
CA GLY B 167 -7.50 -13.47 5.77
C GLY B 167 -6.51 -13.55 6.91
N TYR B 168 -5.98 -14.74 7.10
CA TYR B 168 -5.39 -15.09 8.41
C TYR B 168 -4.01 -15.67 8.40
N THR B 169 -3.41 -15.85 7.24
CA THR B 169 -1.98 -16.18 7.16
C THR B 169 -1.15 -14.89 7.28
N PRO B 170 0.19 -14.99 7.20
CA PRO B 170 1.00 -13.74 7.23
C PRO B 170 0.72 -12.82 6.06
N TYR B 171 0.11 -13.37 5.00
CA TYR B 171 -0.43 -12.63 3.85
C TYR B 171 -1.88 -12.17 3.98
N GLY B 172 -2.32 -12.06 5.22
CA GLY B 172 -3.72 -11.73 5.53
C GLY B 172 -4.26 -10.43 5.07
N ASP B 173 -3.41 -9.40 4.97
CA ASP B 173 -3.84 -8.12 4.47
C ASP B 173 -3.85 -8.21 2.97
N HIS B 174 -5.03 -8.48 2.39
CA HIS B 174 -5.08 -8.77 0.94
C HIS B 174 -4.69 -7.61 0.07
N PHE B 175 -5.16 -6.41 0.42
CA PHE B 175 -4.78 -5.27 -0.41
C PHE B 175 -3.27 -5.02 -0.33
N MET B 176 -2.63 -5.30 0.79
CA MET B 176 -1.17 -5.13 0.89
C MET B 176 -0.45 -5.99 -0.18
N TRP B 177 -0.95 -7.20 -0.45
CA TRP B 177 -0.30 -8.08 -1.42
C TRP B 177 -0.77 -7.97 -2.86
N GLN B 178 -1.78 -7.16 -3.12
CA GLN B 178 -2.25 -6.91 -4.45
C GLN B 178 -1.17 -6.17 -5.22
N THR B 179 -0.90 -6.59 -6.44
CA THR B 179 0.19 -6.04 -7.22
C THR B 179 -0.31 -6.00 -8.63
N GLY B 180 -0.71 -4.81 -9.08
CA GLY B 180 -1.12 -4.60 -10.46
C GLY B 180 -2.60 -4.87 -10.68
N LEU B 181 -3.25 -3.98 -11.44
CA LEU B 181 -4.61 -4.22 -11.87
C LEU B 181 -4.91 -3.67 -13.21
N GLU B 182 -5.94 -4.23 -13.86
CA GLU B 182 -6.52 -3.69 -15.07
C GLU B 182 -7.96 -3.28 -14.76
N VAL B 183 -8.32 -2.07 -15.16
CA VAL B 183 -9.60 -1.53 -14.82
C VAL B 183 -10.20 -0.80 -16.03
N VAL B 184 -11.51 -1.00 -16.18
CA VAL B 184 -12.36 -0.18 -17.09
C VAL B 184 -12.92 1.00 -16.33
N LEU B 185 -12.54 2.17 -16.80
CA LEU B 185 -12.89 3.42 -16.17
C LEU B 185 -14.32 3.82 -16.58
N PRO B 186 -14.91 4.83 -15.90
CA PRO B 186 -16.35 4.97 -16.00
C PRO B 186 -16.89 5.35 -17.40
N GLN B 187 -16.03 5.73 -18.33
CA GLN B 187 -16.52 6.02 -19.68
C GLN B 187 -16.10 4.97 -20.67
N GLY B 188 -15.52 3.87 -20.19
CA GLY B 188 -15.14 2.75 -21.00
C GLY B 188 -13.69 2.60 -21.45
N GLU B 189 -12.82 3.54 -21.09
CA GLU B 189 -11.37 3.45 -21.39
C GLU B 189 -10.79 2.33 -20.50
N VAL B 190 -9.84 1.55 -20.97
CA VAL B 190 -9.19 0.53 -20.13
C VAL B 190 -7.79 1.11 -19.75
N MET B 191 -7.36 0.82 -18.51
CA MET B 191 -6.08 1.25 -18.01
C MET B 191 -5.43 0.10 -17.19
N ARG B 192 -4.12 -0.07 -17.31
CA ARG B 192 -3.33 -0.91 -16.38
C ARG B 192 -2.52 -0.05 -15.43
N THR B 193 -2.51 -0.46 -14.14
CA THR B 193 -1.69 0.20 -13.09
C THR B 193 -0.30 -0.38 -12.97
N GLY B 194 0.59 0.39 -12.36
CA GLY B 194 1.94 -0.05 -12.06
C GLY B 194 2.80 -0.33 -13.28
N MET B 195 3.52 -1.44 -13.21
CA MET B 195 4.39 -1.82 -14.27
C MET B 195 3.62 -2.36 -15.46
N GLY B 196 2.34 -2.69 -15.26
CA GLY B 196 1.43 -3.06 -16.35
C GLY B 196 1.17 -1.92 -17.33
N ALA B 197 1.37 -0.66 -16.92
CA ALA B 197 1.31 0.46 -17.88
C ALA B 197 2.51 0.52 -18.81
N LEU B 198 3.57 -0.26 -18.54
CA LEU B 198 4.73 -0.32 -19.39
C LEU B 198 4.67 -1.52 -20.36
N PRO B 199 4.42 -1.25 -21.66
CA PRO B 199 4.24 -2.40 -22.58
C PRO B 199 5.37 -3.42 -22.62
N GLY B 200 4.98 -4.69 -22.52
CA GLY B 200 5.96 -5.77 -22.45
C GLY B 200 6.65 -5.97 -21.13
N SER B 201 6.28 -5.25 -20.05
CA SER B 201 6.90 -5.49 -18.78
C SER B 201 6.53 -6.90 -18.26
N ASP B 202 7.50 -7.57 -17.66
CA ASP B 202 7.31 -8.81 -16.87
C ASP B 202 7.15 -8.51 -15.41
N ALA B 203 7.00 -7.24 -15.05
CA ALA B 203 7.03 -6.87 -13.66
C ALA B 203 5.71 -6.42 -13.05
N TRP B 204 4.61 -6.64 -13.76
CA TRP B 204 3.30 -6.19 -13.29
C TRP B 204 2.96 -6.71 -11.92
N GLN B 205 3.30 -7.97 -11.65
CA GLN B 205 3.08 -8.59 -10.36
C GLN B 205 4.33 -8.62 -9.46
N LEU B 206 5.36 -7.89 -9.86
CA LEU B 206 6.59 -7.83 -9.10
C LEU B 206 6.75 -6.54 -8.31
N PHE B 207 6.43 -5.36 -8.89
CA PHE B 207 6.64 -4.08 -8.27
C PHE B 207 5.33 -3.32 -8.40
N PRO B 208 4.70 -3.02 -7.30
CA PRO B 208 3.34 -2.51 -7.40
C PRO B 208 3.18 -1.06 -7.83
N TYR B 209 4.19 -0.23 -7.60
CA TYR B 209 3.95 1.20 -7.69
C TYR B 209 4.06 1.76 -9.09
N GLY B 210 4.86 1.18 -9.98
CA GLY B 210 5.16 1.85 -11.22
C GLY B 210 5.77 3.24 -11.01
N PHE B 211 5.31 4.21 -11.80
CA PHE B 211 5.85 5.54 -11.82
C PHE B 211 4.76 6.55 -11.70
N GLY B 212 4.99 7.61 -10.93
CA GLY B 212 3.99 8.63 -10.78
C GLY B 212 3.00 8.29 -9.68
N PRO B 213 1.91 9.06 -9.59
CA PRO B 213 0.97 8.92 -8.50
C PRO B 213 0.44 7.46 -8.49
N PHE B 214 0.32 6.87 -7.30
CA PHE B 214 0.04 5.45 -7.18
C PHE B 214 -1.46 5.26 -6.93
N PRO B 215 -2.17 4.71 -7.91
CA PRO B 215 -3.63 4.80 -7.81
C PRO B 215 -4.45 3.56 -7.35
N ASP B 216 -3.82 2.39 -7.18
CA ASP B 216 -4.57 1.11 -7.07
C ASP B 216 -5.55 1.18 -5.88
N GLY B 217 -5.13 1.82 -4.81
CA GLY B 217 -5.95 2.06 -3.61
C GLY B 217 -7.28 2.73 -3.89
N MET B 218 -7.26 3.59 -4.91
CA MET B 218 -8.44 4.30 -5.36
C MET B 218 -9.50 3.41 -6.01
N PHE B 219 -9.15 2.18 -6.39
CA PHE B 219 -10.09 1.20 -6.92
C PHE B 219 -10.55 0.22 -5.91
N THR B 220 -10.31 0.49 -4.64
CA THR B 220 -10.76 -0.37 -3.54
C THR B 220 -11.82 0.38 -2.69
N GLN B 221 -12.86 -0.32 -2.24
CA GLN B 221 -14.04 0.24 -1.63
C GLN B 221 -14.56 1.48 -2.44
N SER B 222 -14.61 1.28 -3.76
CA SER B 222 -14.66 2.35 -4.69
C SER B 222 -15.62 2.22 -5.82
N ASN B 223 -16.02 3.32 -6.43
CA ASN B 223 -16.84 3.28 -7.64
C ASN B 223 -16.21 3.95 -8.84
N LEU B 224 -14.91 3.83 -8.98
CA LEU B 224 -14.16 4.50 -10.06
C LEU B 224 -13.91 3.64 -11.25
N GLY B 225 -14.37 2.42 -11.23
CA GLY B 225 -14.25 1.55 -12.41
C GLY B 225 -14.60 0.13 -12.14
N ILE B 226 -14.47 -0.65 -13.21
CA ILE B 226 -14.77 -2.06 -13.16
C ILE B 226 -13.48 -2.80 -13.40
N VAL B 227 -13.03 -3.52 -12.38
CA VAL B 227 -11.76 -4.21 -12.45
C VAL B 227 -11.93 -5.56 -13.17
N THR B 228 -11.03 -5.86 -14.07
CA THR B 228 -11.09 -7.01 -14.96
C THR B 228 -9.91 -7.97 -14.79
N LYS B 229 -8.80 -7.50 -14.20
CA LYS B 229 -7.65 -8.33 -13.91
C LYS B 229 -6.96 -7.76 -12.65
N MET B 230 -6.46 -8.63 -11.76
CA MET B 230 -5.69 -8.18 -10.62
C MET B 230 -4.60 -9.18 -10.29
N GLY B 231 -3.39 -8.71 -10.00
CA GLY B 231 -2.40 -9.56 -9.40
C GLY B 231 -2.37 -9.60 -7.89
N ILE B 232 -1.83 -10.68 -7.36
CA ILE B 232 -1.68 -10.85 -5.95
C ILE B 232 -0.41 -11.73 -5.66
N ALA B 233 0.42 -11.24 -4.73
CA ALA B 233 1.53 -12.06 -4.25
C ALA B 233 1.01 -13.27 -3.44
N LEU B 234 1.77 -14.37 -3.52
CA LEU B 234 1.47 -15.61 -2.86
C LEU B 234 2.67 -16.04 -2.04
N MET B 235 2.40 -16.38 -0.82
CA MET B 235 3.49 -16.82 0.08
C MET B 235 3.94 -18.27 -0.24
N GLN B 236 5.18 -18.53 0.05
CA GLN B 236 5.69 -19.88 -0.02
C GLN B 236 5.17 -20.71 1.16
N ARG B 237 4.70 -21.93 0.87
CA ARG B 237 4.19 -22.84 1.94
C ARG B 237 5.39 -23.24 2.83
N PRO B 238 5.29 -23.05 4.13
CA PRO B 238 6.36 -23.45 5.06
C PRO B 238 6.45 -24.97 5.23
N PRO B 239 7.55 -25.45 5.80
CA PRO B 239 7.73 -26.91 5.90
C PRO B 239 6.78 -27.60 6.90
N ALA B 240 6.27 -26.86 7.87
CA ALA B 240 5.44 -27.37 8.92
C ALA B 240 4.63 -26.21 9.56
N SER B 241 3.56 -26.57 10.23
CA SER B 241 2.68 -25.61 10.94
C SER B 241 1.97 -26.29 12.11
N GLN B 242 1.50 -25.47 13.03
CA GLN B 242 0.80 -25.96 14.19
C GLN B 242 -0.13 -24.90 14.61
N SER B 243 -1.39 -25.25 14.76
CA SER B 243 -2.36 -24.31 15.27
C SER B 243 -2.67 -24.55 16.71
N PHE B 244 -3.22 -23.54 17.35
CA PHE B 244 -3.53 -23.63 18.72
C PHE B 244 -4.72 -22.76 19.08
N LEU B 245 -5.34 -23.15 20.20
CA LEU B 245 -6.45 -22.46 20.86
C LEU B 245 -6.05 -22.17 22.27
N ILE B 246 -6.42 -20.98 22.73
CA ILE B 246 -6.33 -20.67 24.13
C ILE B 246 -7.70 -20.25 24.53
N THR B 247 -8.28 -20.96 25.51
CA THR B 247 -9.60 -20.59 26.04
C THR B 247 -9.42 -19.74 27.26
N PHE B 248 -10.26 -18.69 27.37
CA PHE B 248 -10.26 -17.82 28.54
C PHE B 248 -11.66 -17.79 29.15
N ASP B 249 -11.72 -18.03 30.44
CA ASP B 249 -12.98 -18.24 31.15
C ASP B 249 -13.91 -17.02 31.22
N LYS B 250 -13.39 -15.82 31.47
CA LYS B 250 -14.25 -14.67 31.76
C LYS B 250 -14.44 -13.69 30.59
N GLU B 251 -15.68 -13.23 30.40
CA GLU B 251 -16.02 -12.00 29.64
C GLU B 251 -14.97 -10.86 29.88
N GLU B 252 -14.60 -10.67 31.14
CA GLU B 252 -13.66 -9.67 31.59
C GLU B 252 -12.22 -9.89 31.22
N ASP B 253 -11.86 -11.05 30.69
CA ASP B 253 -10.45 -11.35 30.37
C ASP B 253 -10.00 -10.59 29.10
N LEU B 254 -10.95 -10.05 28.33
CA LEU B 254 -10.68 -9.39 27.01
C LEU B 254 -9.47 -8.43 27.15
N GLU B 255 -9.52 -7.54 28.12
CA GLU B 255 -8.44 -6.50 28.30
C GLU B 255 -7.05 -7.10 28.47
N GLN B 256 -6.91 -8.03 29.40
CA GLN B 256 -5.63 -8.61 29.58
C GLN B 256 -5.16 -9.45 28.41
N ILE B 257 -6.10 -10.13 27.73
CA ILE B 257 -5.73 -10.94 26.55
C ILE B 257 -5.04 -10.01 25.46
N VAL B 258 -5.70 -8.90 25.18
CA VAL B 258 -5.25 -7.97 24.15
C VAL B 258 -3.90 -7.32 24.58
N ASP B 259 -3.80 -6.94 25.86
CA ASP B 259 -2.56 -6.31 26.33
C ASP B 259 -1.37 -7.21 26.34
N ILE B 260 -1.61 -8.47 26.63
CA ILE B 260 -0.56 -9.43 26.56
C ILE B 260 -0.20 -9.76 25.10
N MET B 261 -1.20 -9.76 24.22
CA MET B 261 -1.01 -10.10 22.83
C MET B 261 -0.04 -9.13 22.10
N LEU B 262 -0.22 -7.84 22.29
CA LEU B 262 0.48 -6.83 21.49
C LEU B 262 1.98 -7.04 21.35
N PRO B 263 2.71 -7.14 22.47
CA PRO B 263 4.15 -7.33 22.32
C PRO B 263 4.57 -8.59 21.61
N LEU B 264 3.71 -9.63 21.61
CA LEU B 264 4.00 -10.88 20.91
C LEU B 264 3.63 -10.88 19.47
N ARG B 265 2.87 -9.88 19.05
CA ARG B 265 2.39 -9.72 17.69
C ARG B 265 3.07 -8.62 16.89
N ILE B 266 3.42 -7.50 17.51
CA ILE B 266 3.86 -6.34 16.76
C ILE B 266 5.09 -6.58 15.86
N ASN B 267 5.98 -7.49 16.25
CA ASN B 267 7.12 -7.90 15.39
C ASN B 267 6.90 -9.14 14.62
N MET B 268 5.66 -9.58 14.48
CA MET B 268 5.33 -10.74 13.68
C MET B 268 5.94 -12.01 14.24
N ALA B 269 6.27 -12.07 15.52
CA ALA B 269 6.82 -13.26 16.14
C ALA B 269 6.83 -13.02 17.64
N PRO B 270 6.51 -14.02 18.47
CA PRO B 270 6.11 -15.37 18.09
C PRO B 270 4.70 -15.52 17.46
N LEU B 271 3.80 -14.50 17.53
CA LEU B 271 2.54 -14.56 16.75
C LEU B 271 2.70 -14.19 15.27
N GLN B 272 2.96 -15.20 14.47
CA GLN B 272 3.29 -15.06 13.08
C GLN B 272 2.11 -14.80 12.17
N ASN B 273 0.97 -15.44 12.46
CA ASN B 273 -0.23 -15.35 11.62
C ASN B 273 -1.08 -14.26 12.25
N VAL B 274 -2.27 -14.04 11.67
CA VAL B 274 -3.22 -13.08 12.13
C VAL B 274 -4.06 -13.81 13.20
N PRO B 275 -3.82 -13.51 14.45
CA PRO B 275 -4.66 -14.22 15.46
C PRO B 275 -6.09 -13.75 15.41
N VAL B 276 -7.02 -14.63 15.85
CA VAL B 276 -8.41 -14.24 15.97
C VAL B 276 -8.81 -14.49 17.42
N LEU B 277 -9.62 -13.59 17.94
CA LEU B 277 -10.13 -13.73 19.28
C LEU B 277 -11.64 -13.67 19.12
N ARG B 278 -12.26 -14.82 19.40
CA ARG B 278 -13.66 -15.08 19.11
C ARG B 278 -14.36 -15.31 20.44
N ASN B 279 -15.54 -14.73 20.61
CA ASN B 279 -16.33 -14.98 21.82
C ASN B 279 -17.13 -16.30 21.68
N ILE B 280 -17.67 -16.76 22.80
CA ILE B 280 -18.44 -18.05 22.79
C ILE B 280 -19.61 -18.05 21.80
N PHE B 281 -20.26 -16.91 21.61
CA PHE B 281 -21.38 -16.83 20.66
C PHE B 281 -20.92 -17.15 19.25
N MET B 282 -19.75 -16.63 18.87
CA MET B 282 -19.25 -16.92 17.54
C MET B 282 -18.98 -18.42 17.42
N ASP B 283 -18.31 -18.99 18.41
CA ASP B 283 -17.91 -20.38 18.33
C ASP B 283 -19.10 -21.32 18.50
N ALA B 284 -20.06 -20.98 19.37
CA ALA B 284 -21.26 -21.87 19.51
C ALA B 284 -22.07 -21.88 18.25
N ALA B 285 -22.20 -20.73 17.60
CA ALA B 285 -23.00 -20.63 16.41
C ALA B 285 -22.43 -21.44 15.25
N ALA B 286 -21.11 -21.58 15.20
CA ALA B 286 -20.45 -22.42 14.18
C ALA B 286 -20.76 -23.93 14.28
N VAL B 287 -21.16 -24.41 15.46
CA VAL B 287 -21.33 -25.86 15.69
C VAL B 287 -22.71 -26.25 16.30
N SER B 288 -23.59 -25.29 16.52
CA SER B 288 -24.80 -25.55 17.27
C SER B 288 -25.88 -24.49 16.98
N LYS B 289 -27.12 -24.82 17.32
CA LYS B 289 -28.27 -23.88 17.16
C LYS B 289 -28.54 -23.21 18.50
N ARG B 290 -29.14 -22.01 18.47
CA ARG B 290 -29.42 -21.25 19.69
C ARG B 290 -30.29 -22.06 20.66
N THR B 291 -31.24 -22.80 20.07
CA THR B 291 -32.23 -23.54 20.86
C THR B 291 -31.60 -24.67 21.61
N GLU B 292 -30.41 -25.16 21.24
CA GLU B 292 -29.72 -26.14 22.10
C GLU B 292 -29.42 -25.54 23.48
N TRP B 293 -29.23 -24.22 23.56
CA TRP B 293 -28.82 -23.60 24.82
C TRP B 293 -29.95 -22.83 25.46
N PHE B 294 -30.85 -22.27 24.67
CA PHE B 294 -31.89 -21.40 25.25
C PHE B 294 -33.03 -21.32 24.28
N ASP B 295 -34.26 -21.70 24.71
CA ASP B 295 -35.50 -21.32 23.97
C ASP B 295 -36.03 -20.13 24.74
N GLY B 296 -36.24 -19.03 24.05
CA GLY B 296 -36.62 -17.74 24.68
C GLY B 296 -36.34 -16.62 23.68
N ASP B 297 -37.24 -15.64 23.59
CA ASP B 297 -37.15 -14.60 22.55
C ASP B 297 -35.97 -13.62 22.86
N GLY B 298 -35.61 -13.46 24.15
CA GLY B 298 -34.70 -12.41 24.62
C GLY B 298 -33.22 -12.77 24.67
N PRO B 299 -32.40 -11.89 25.29
CA PRO B 299 -30.94 -12.14 25.49
C PRO B 299 -30.69 -13.40 26.27
N MET B 300 -29.64 -14.12 25.91
CA MET B 300 -29.40 -15.40 26.53
C MET B 300 -29.01 -15.17 27.96
N PRO B 301 -29.74 -15.76 28.93
CA PRO B 301 -29.25 -15.63 30.32
C PRO B 301 -27.87 -16.28 30.56
N ALA B 302 -27.21 -15.83 31.62
CA ALA B 302 -25.86 -16.26 31.96
C ALA B 302 -25.66 -17.76 32.16
N GLU B 303 -26.65 -18.42 32.76
CA GLU B 303 -26.58 -19.87 32.95
C GLU B 303 -26.59 -20.59 31.62
N ALA B 304 -27.29 -20.08 30.58
CA ALA B 304 -27.24 -20.70 29.24
C ALA B 304 -25.85 -20.52 28.61
N ILE B 305 -25.24 -19.38 28.90
CA ILE B 305 -23.87 -19.10 28.48
C ILE B 305 -22.89 -20.07 29.10
N GLU B 306 -23.00 -20.31 30.42
CA GLU B 306 -22.09 -21.25 31.07
C GLU B 306 -22.26 -22.65 30.52
N ARG B 307 -23.47 -22.99 30.12
CA ARG B 307 -23.69 -24.34 29.59
C ARG B 307 -23.03 -24.46 28.21
N MET B 308 -23.13 -23.40 27.37
CA MET B 308 -22.38 -23.34 26.10
C MET B 308 -20.90 -23.67 26.32
N LYS B 309 -20.29 -23.00 27.28
CA LYS B 309 -18.88 -23.13 27.59
C LYS B 309 -18.53 -24.49 28.10
N LYS B 310 -19.35 -24.98 29.02
CA LYS B 310 -19.07 -26.28 29.60
C LYS B 310 -19.24 -27.38 28.55
N ASP B 311 -20.33 -27.37 27.78
CA ASP B 311 -20.56 -28.47 26.83
C ASP B 311 -19.52 -28.49 25.69
N LEU B 312 -19.18 -27.30 25.18
CA LEU B 312 -18.18 -27.19 24.09
C LEU B 312 -16.75 -27.14 24.62
N ASP B 313 -16.59 -27.01 25.95
CA ASP B 313 -15.31 -27.00 26.60
C ASP B 313 -14.47 -25.82 26.02
N LEU B 314 -15.16 -24.68 25.92
CA LEU B 314 -14.61 -23.44 25.38
C LEU B 314 -14.74 -22.38 26.45
N GLY B 315 -14.01 -21.29 26.21
CA GLY B 315 -14.03 -20.13 27.13
C GLY B 315 -15.00 -19.11 26.62
N PHE B 316 -15.20 -18.02 27.36
CA PHE B 316 -15.96 -16.92 26.83
C PHE B 316 -15.21 -16.30 25.64
N TRP B 317 -13.88 -16.16 25.82
CA TRP B 317 -12.99 -15.69 24.74
C TRP B 317 -12.05 -16.83 24.32
N ASN B 318 -12.02 -17.10 23.01
CA ASN B 318 -11.22 -18.15 22.44
C ASN B 318 -10.22 -17.59 21.37
N PHE B 319 -8.94 -17.73 21.67
CA PHE B 319 -7.85 -17.20 20.85
C PHE B 319 -7.27 -18.30 20.00
N TYR B 320 -7.26 -18.08 18.67
CA TYR B 320 -6.71 -19.02 17.74
C TYR B 320 -5.57 -18.44 16.96
N GLY B 321 -4.49 -19.23 16.84
CA GLY B 321 -3.37 -18.85 16.08
C GLY B 321 -2.69 -20.04 15.47
N THR B 322 -1.75 -19.73 14.59
CA THR B 322 -1.01 -20.73 13.87
C THR B 322 0.44 -20.28 13.81
N LEU B 323 1.36 -21.26 13.95
CA LEU B 323 2.78 -21.07 13.89
C LEU B 323 3.30 -21.86 12.66
N TYR B 324 4.36 -21.35 12.08
CA TYR B 324 4.92 -21.85 10.81
C TYR B 324 6.41 -21.93 10.91
N GLY B 325 6.99 -22.93 10.28
CA GLY B 325 8.45 -23.01 10.15
C GLY B 325 8.97 -24.38 10.50
N PRO B 326 10.32 -24.51 10.62
CA PRO B 326 10.81 -25.79 11.09
C PRO B 326 10.22 -26.10 12.50
N PRO B 327 9.96 -27.38 12.78
CA PRO B 327 9.52 -27.75 14.13
C PRO B 327 10.23 -27.11 15.33
N PRO B 328 11.60 -26.98 15.33
CA PRO B 328 12.18 -26.28 16.53
C PRO B 328 11.75 -24.77 16.73
N LEU B 329 11.48 -24.07 15.62
CA LEU B 329 10.98 -22.67 15.65
C LEU B 329 9.53 -22.66 16.23
N ILE B 330 8.70 -23.55 15.73
CA ILE B 330 7.33 -23.70 16.26
C ILE B 330 7.34 -23.92 17.78
N GLU B 331 8.17 -24.87 18.24
CA GLU B 331 8.27 -25.16 19.68
C GLU B 331 8.77 -23.96 20.48
N MET B 332 9.81 -23.23 20.04
CA MET B 332 10.20 -21.97 20.74
C MET B 332 9.05 -20.97 20.83
N TYR B 333 8.36 -20.72 19.70
CA TYR B 333 7.30 -19.68 19.65
C TYR B 333 6.09 -20.10 20.49
N TYR B 334 5.70 -21.37 20.38
CA TYR B 334 4.59 -21.90 21.22
C TYR B 334 4.94 -21.76 22.70
N GLY B 335 6.19 -22.09 23.05
CA GLY B 335 6.64 -21.96 24.43
C GLY B 335 6.47 -20.56 24.95
N MET B 336 6.87 -19.59 24.14
CA MET B 336 6.68 -18.19 24.52
C MET B 336 5.23 -17.81 24.67
N ILE B 337 4.39 -18.26 23.75
CA ILE B 337 2.97 -17.94 23.76
C ILE B 337 2.30 -18.49 25.03
N LYS B 338 2.69 -19.72 25.43
CA LYS B 338 2.14 -20.35 26.65
C LYS B 338 2.56 -19.60 27.88
N GLU B 339 3.81 -19.18 27.91
CA GLU B 339 4.31 -18.46 29.04
C GLU B 339 3.61 -17.13 29.28
N ALA B 340 3.37 -16.37 28.19
CA ALA B 340 2.80 -15.06 28.31
C ALA B 340 1.30 -15.11 28.65
N PHE B 341 0.55 -15.86 27.87
CA PHE B 341 -0.90 -15.95 28.05
C PHE B 341 -1.26 -16.83 29.29
N GLY B 342 -0.33 -17.70 29.70
CA GLY B 342 -0.55 -18.51 30.92
C GLY B 342 -0.59 -17.67 32.19
N LYS B 343 -0.20 -16.41 32.12
CA LYS B 343 -0.39 -15.48 33.23
C LYS B 343 -1.85 -15.10 33.47
N ILE B 344 -2.78 -15.34 32.54
CA ILE B 344 -4.18 -15.08 32.82
C ILE B 344 -4.81 -16.29 33.56
N PRO B 345 -5.38 -16.07 34.77
CA PRO B 345 -6.11 -17.17 35.48
C PRO B 345 -7.17 -17.84 34.63
N GLY B 346 -7.13 -19.18 34.55
CA GLY B 346 -8.19 -19.94 33.88
C GLY B 346 -7.89 -20.20 32.40
N ALA B 347 -6.74 -19.74 31.91
CA ALA B 347 -6.39 -19.96 30.50
C ALA B 347 -5.95 -21.40 30.31
N ARG B 348 -6.35 -22.00 29.20
CA ARG B 348 -5.97 -23.38 28.88
C ARG B 348 -5.62 -23.42 27.41
N PHE B 349 -4.67 -24.27 27.08
CA PHE B 349 -4.05 -24.34 25.78
C PHE B 349 -4.29 -25.69 25.14
N PHE B 350 -4.48 -25.71 23.83
CA PHE B 350 -4.75 -26.91 23.07
C PHE B 350 -4.12 -26.73 21.67
N THR B 351 -3.29 -27.65 21.23
CA THR B 351 -2.89 -27.63 19.81
C THR B 351 -3.98 -28.21 18.94
N HIS B 352 -3.82 -28.11 17.61
CA HIS B 352 -4.74 -28.77 16.68
C HIS B 352 -4.70 -30.32 16.77
N GLU B 353 -3.73 -30.89 17.46
CA GLU B 353 -3.68 -32.37 17.63
C GLU B 353 -4.35 -32.81 18.93
N GLU B 354 -4.91 -31.91 19.72
CA GLU B 354 -5.33 -32.24 21.06
C GLU B 354 -6.84 -32.11 21.29
N ARG B 355 -7.63 -31.68 20.31
CA ARG B 355 -9.11 -31.70 20.47
C ARG B 355 -9.68 -32.54 19.33
N ASP B 356 -10.51 -33.55 19.64
CA ASP B 356 -11.37 -34.17 18.59
C ASP B 356 -12.89 -34.00 18.78
N ASP B 357 -13.27 -33.22 19.79
CA ASP B 357 -14.63 -33.01 20.21
C ASP B 357 -15.30 -31.93 19.37
N ARG B 358 -16.56 -31.68 19.70
CA ARG B 358 -17.38 -30.74 18.95
C ARG B 358 -16.85 -29.32 19.12
N GLY B 359 -16.54 -28.91 20.32
CA GLY B 359 -16.08 -27.54 20.49
C GLY B 359 -14.76 -27.23 19.76
N GLY B 360 -13.98 -28.28 19.47
CA GLY B 360 -12.71 -28.25 18.72
C GLY B 360 -12.85 -28.16 17.22
N HIS B 361 -14.08 -28.27 16.69
CA HIS B 361 -14.33 -28.10 15.25
C HIS B 361 -13.84 -26.72 14.77
N VAL B 362 -14.05 -25.66 15.57
CA VAL B 362 -13.56 -24.31 15.15
C VAL B 362 -12.03 -24.35 14.99
N LEU B 363 -11.31 -24.90 15.96
CA LEU B 363 -9.84 -25.00 15.87
C LEU B 363 -9.46 -25.69 14.60
N GLN B 364 -10.10 -26.82 14.30
CA GLN B 364 -9.72 -27.56 13.06
C GLN B 364 -10.03 -26.71 11.79
N ASP B 365 -11.10 -25.95 11.82
CA ASP B 365 -11.43 -25.07 10.74
C ASP B 365 -10.40 -23.94 10.64
N ARG B 366 -10.02 -23.32 11.77
CA ARG B 366 -8.94 -22.29 11.72
C ARG B 366 -7.62 -22.86 11.14
N HIS B 367 -7.23 -24.08 11.54
CA HIS B 367 -6.03 -24.74 11.07
C HIS B 367 -6.04 -24.92 9.58
N LYS B 368 -7.22 -25.18 8.99
CA LYS B 368 -7.37 -25.13 7.54
C LYS B 368 -7.14 -23.73 6.98
N ILE B 369 -7.90 -22.75 7.49
CA ILE B 369 -7.91 -21.41 6.92
C ILE B 369 -6.51 -20.75 7.03
N ASN B 370 -5.89 -20.98 8.17
CA ASN B 370 -4.55 -20.42 8.49
C ASN B 370 -3.41 -21.06 7.70
N ASN B 371 -3.71 -22.15 7.03
CA ASN B 371 -2.81 -22.81 6.12
C ASN B 371 -3.23 -22.72 4.69
N GLY B 372 -4.15 -21.82 4.43
CA GLY B 372 -4.54 -21.51 3.05
C GLY B 372 -5.38 -22.59 2.39
N ILE B 373 -6.12 -23.30 3.23
CA ILE B 373 -7.01 -24.38 2.75
C ILE B 373 -8.43 -23.84 2.94
N PRO B 374 -9.12 -23.53 1.84
CA PRO B 374 -10.40 -22.83 1.99
C PRO B 374 -11.51 -23.74 2.51
N SER B 375 -12.54 -23.17 3.13
CA SER B 375 -13.52 -23.97 3.87
C SER B 375 -14.84 -23.26 3.76
N LEU B 376 -15.97 -23.99 3.86
CA LEU B 376 -17.27 -23.36 4.05
C LEU B 376 -17.90 -23.78 5.33
N ASP B 377 -17.16 -24.35 6.28
CA ASP B 377 -17.78 -24.82 7.57
C ASP B 377 -18.44 -23.69 8.33
N GLU B 378 -17.87 -22.48 8.24
CA GLU B 378 -18.48 -21.30 8.92
C GLU B 378 -19.91 -20.91 8.41
N LEU B 379 -20.32 -21.38 7.23
CA LEU B 379 -21.75 -21.29 6.84
C LEU B 379 -22.70 -21.77 7.95
N GLN B 380 -22.21 -22.67 8.81
CA GLN B 380 -23.04 -23.24 9.85
C GLN B 380 -23.50 -22.19 10.86
N LEU B 381 -22.72 -21.10 11.04
CA LEU B 381 -23.25 -19.93 11.78
C LEU B 381 -24.66 -19.51 11.39
N LEU B 382 -24.99 -19.57 10.11
CA LEU B 382 -26.30 -19.08 9.68
C LEU B 382 -27.49 -20.03 10.10
N ASP B 383 -27.19 -21.20 10.67
CA ASP B 383 -28.25 -22.09 11.21
C ASP B 383 -28.48 -21.79 12.66
N TRP B 384 -27.87 -20.74 13.21
CA TRP B 384 -28.08 -20.42 14.61
C TRP B 384 -29.53 -20.17 14.98
N VAL B 385 -30.27 -19.56 14.04
CA VAL B 385 -31.71 -19.26 14.16
C VAL B 385 -32.32 -19.53 12.81
N PRO B 386 -33.67 -19.71 12.74
CA PRO B 386 -34.30 -19.96 11.41
C PRO B 386 -34.00 -18.85 10.37
N ASN B 387 -33.82 -19.23 9.09
CA ASN B 387 -33.65 -18.25 7.96
C ASN B 387 -32.50 -17.28 8.28
N GLY B 388 -31.47 -17.83 8.91
CA GLY B 388 -30.41 -17.03 9.54
C GLY B 388 -29.72 -16.14 8.51
N GLY B 389 -29.55 -14.87 8.85
CA GLY B 389 -28.66 -13.95 8.11
C GLY B 389 -27.74 -13.29 9.10
N HIS B 390 -26.75 -12.59 8.61
CA HIS B 390 -25.98 -11.68 9.47
C HIS B 390 -25.65 -10.38 8.74
N ILE B 391 -25.32 -9.37 9.56
CA ILE B 391 -24.72 -8.11 9.10
C ILE B 391 -23.42 -7.90 9.87
N GLY B 392 -22.42 -7.30 9.20
CA GLY B 392 -21.13 -7.05 9.82
C GLY B 392 -21.03 -5.59 10.22
N PHE B 393 -20.90 -5.37 11.52
CA PHE B 393 -20.53 -4.10 12.08
C PHE B 393 -19.05 -4.28 12.45
N SER B 394 -18.18 -3.57 11.74
CA SER B 394 -16.74 -3.83 11.76
C SER B 394 -15.85 -2.57 12.11
N PRO B 395 -15.87 -2.13 13.37
CA PRO B 395 -14.99 -1.06 13.85
C PRO B 395 -13.53 -1.48 13.89
N VAL B 396 -12.67 -0.51 13.63
CA VAL B 396 -11.27 -0.64 13.88
C VAL B 396 -10.96 -0.37 15.34
N SER B 397 -10.09 -1.19 15.93
CA SER B 397 -9.64 -0.93 17.30
C SER B 397 -8.13 -0.93 17.39
N ALA B 398 -7.62 -0.02 18.21
CA ALA B 398 -6.24 -0.07 18.65
C ALA B 398 -6.05 -1.45 19.32
N PRO B 399 -4.81 -1.97 19.29
CA PRO B 399 -4.52 -3.23 19.98
C PRO B 399 -4.24 -2.95 21.46
N ASP B 400 -5.30 -2.47 22.10
CA ASP B 400 -5.27 -2.03 23.46
C ASP B 400 -6.49 -2.69 24.16
N GLY B 401 -6.21 -3.36 25.24
CA GLY B 401 -7.21 -4.09 26.00
C GLY B 401 -8.37 -3.24 26.45
N ARG B 402 -8.06 -2.07 26.98
CA ARG B 402 -9.11 -1.13 27.43
C ARG B 402 -9.99 -0.71 26.26
N GLU B 403 -9.41 -0.32 25.13
CA GLU B 403 -10.22 0.09 23.97
C GLU B 403 -11.11 -1.10 23.53
N ALA B 404 -10.55 -2.30 23.49
CA ALA B 404 -11.24 -3.48 23.02
C ALA B 404 -12.47 -3.78 23.94
N MET B 405 -12.27 -3.69 25.25
CA MET B 405 -13.36 -3.81 26.22
C MET B 405 -14.41 -2.75 26.09
N LYS B 406 -14.03 -1.49 25.96
CA LYS B 406 -15.02 -0.48 25.72
C LYS B 406 -15.85 -0.74 24.53
N GLN B 407 -15.25 -1.20 23.43
CA GLN B 407 -16.00 -1.44 22.18
C GLN B 407 -17.00 -2.61 22.40
N PHE B 408 -16.49 -3.65 23.04
CA PHE B 408 -17.27 -4.89 23.35
C PHE B 408 -18.49 -4.51 24.24
N GLU B 409 -18.24 -3.72 25.26
CA GLU B 409 -19.34 -3.24 26.15
C GLU B 409 -20.37 -2.34 25.43
N MET B 410 -19.90 -1.40 24.61
CA MET B 410 -20.80 -0.58 23.83
C MET B 410 -21.65 -1.42 22.90
N VAL B 411 -21.02 -2.37 22.19
CA VAL B 411 -21.76 -3.19 21.22
C VAL B 411 -22.74 -4.19 21.96
N ARG B 412 -22.22 -4.86 22.97
CA ARG B 412 -23.01 -5.78 23.82
C ARG B 412 -24.30 -5.11 24.28
N ASN B 413 -24.17 -3.92 24.79
CA ASN B 413 -25.34 -3.17 25.30
C ASN B 413 -26.43 -2.82 24.30
N ARG B 414 -26.06 -2.35 23.12
CA ARG B 414 -27.08 -2.22 22.08
C ARG B 414 -27.60 -3.54 21.57
N ALA B 415 -26.73 -4.56 21.51
CA ALA B 415 -27.13 -5.90 21.11
C ALA B 415 -28.26 -6.43 22.03
N ASN B 416 -28.06 -6.28 23.33
CA ASN B 416 -29.07 -6.59 24.33
C ASN B 416 -30.34 -5.76 24.17
N GLU B 417 -30.19 -4.43 24.11
CA GLU B 417 -31.33 -3.55 23.87
C GLU B 417 -32.19 -3.91 22.64
N TYR B 418 -31.59 -4.38 21.54
CA TYR B 418 -32.33 -4.67 20.33
C TYR B 418 -32.64 -6.15 20.12
N ASN B 419 -32.30 -6.92 21.12
CA ASN B 419 -32.38 -8.32 21.15
C ASN B 419 -31.72 -9.12 20.01
N LYS B 420 -30.40 -8.99 19.89
CA LYS B 420 -29.74 -9.64 18.78
C LYS B 420 -28.47 -10.17 19.41
N ASP B 421 -28.14 -11.43 19.12
CA ASP B 421 -26.88 -11.99 19.63
C ASP B 421 -25.65 -11.34 18.94
N TYR B 422 -24.67 -11.05 19.78
CA TYR B 422 -23.39 -10.43 19.41
C TYR B 422 -22.28 -11.49 19.39
N ALA B 423 -21.99 -11.92 18.16
CA ALA B 423 -20.87 -12.82 17.90
C ALA B 423 -19.70 -11.87 17.53
N ALA B 424 -18.57 -12.03 18.19
CA ALA B 424 -17.39 -11.14 18.05
C ALA B 424 -16.22 -11.92 17.49
N GLN B 425 -15.50 -11.27 16.60
CA GLN B 425 -14.21 -11.82 16.14
C GLN B 425 -13.28 -10.63 15.94
N PHE B 426 -12.31 -10.49 16.86
CA PHE B 426 -11.16 -9.59 16.65
C PHE B 426 -10.11 -10.24 15.71
N ILE B 427 -9.75 -9.50 14.64
CA ILE B 427 -8.80 -9.94 13.67
C ILE B 427 -7.58 -9.01 13.86
N ILE B 428 -6.49 -9.57 14.36
CA ILE B 428 -5.42 -8.80 14.93
C ILE B 428 -4.23 -8.62 13.97
N GLY B 429 -4.09 -7.38 13.46
CA GLY B 429 -2.98 -6.98 12.56
C GLY B 429 -1.79 -6.70 13.46
N LEU B 430 -0.78 -6.00 12.97
CA LEU B 430 0.38 -5.62 13.80
C LEU B 430 0.06 -4.53 14.81
N ARG B 431 -0.63 -3.53 14.33
CA ARG B 431 -0.84 -2.27 15.10
C ARG B 431 -2.31 -1.88 15.21
N GLU B 432 -3.20 -2.76 14.77
CA GLU B 432 -4.62 -2.55 14.85
C GLU B 432 -5.37 -3.91 14.90
N MET B 433 -6.66 -3.83 15.21
CA MET B 433 -7.56 -4.99 15.09
C MET B 433 -8.81 -4.54 14.35
N HIS B 434 -9.25 -5.37 13.44
CA HIS B 434 -10.57 -5.28 12.89
C HIS B 434 -11.49 -5.97 13.91
N HIS B 435 -12.37 -5.22 14.53
CA HIS B 435 -13.31 -5.80 15.54
C HIS B 435 -14.65 -6.10 14.83
N VAL B 436 -14.79 -7.34 14.39
CA VAL B 436 -15.91 -7.70 13.53
C VAL B 436 -17.04 -8.22 14.42
N CYS B 437 -18.19 -7.57 14.30
CA CYS B 437 -19.35 -7.86 15.16
C CYS B 437 -20.38 -8.36 14.21
N LEU B 438 -20.67 -9.66 14.28
CA LEU B 438 -21.68 -10.25 13.41
C LEU B 438 -22.98 -10.41 14.21
N PHE B 439 -24.07 -9.93 13.66
CA PHE B 439 -25.37 -10.07 14.33
C PHE B 439 -26.21 -10.99 13.49
N ILE B 440 -26.58 -12.13 14.10
CA ILE B 440 -27.25 -13.24 13.45
C ILE B 440 -28.76 -13.07 13.72
N TYR B 441 -29.60 -13.22 12.71
CA TYR B 441 -31.04 -12.89 12.91
C TYR B 441 -31.85 -13.62 11.88
N ASP B 442 -33.15 -13.64 12.14
CA ASP B 442 -34.08 -14.38 11.30
C ASP B 442 -34.50 -13.42 10.21
N THR B 443 -34.02 -13.66 8.99
CA THR B 443 -34.20 -12.71 7.89
C THR B 443 -35.65 -12.66 7.39
N ALA B 444 -36.46 -13.68 7.72
CA ALA B 444 -37.88 -13.67 7.34
C ALA B 444 -38.75 -12.71 8.17
N ILE B 445 -38.32 -12.28 9.36
CA ILE B 445 -39.21 -11.51 10.23
C ILE B 445 -38.94 -10.04 9.93
N PRO B 446 -39.97 -9.29 9.39
CA PRO B 446 -39.80 -7.85 9.05
C PRO B 446 -39.26 -7.03 10.19
N GLU B 447 -39.76 -7.26 11.42
CA GLU B 447 -39.31 -6.55 12.64
C GLU B 447 -37.85 -6.83 13.01
N ALA B 448 -37.39 -8.05 12.80
CA ALA B 448 -36.02 -8.35 13.14
C ALA B 448 -35.07 -7.64 12.13
N ARG B 449 -35.46 -7.62 10.85
CA ARG B 449 -34.67 -6.96 9.81
C ARG B 449 -34.59 -5.46 10.11
N GLU B 450 -35.70 -4.91 10.61
CA GLU B 450 -35.74 -3.51 11.00
C GLU B 450 -34.93 -3.16 12.23
N GLU B 451 -34.96 -4.02 13.25
CA GLU B 451 -34.16 -3.82 14.44
C GLU B 451 -32.66 -3.89 14.16
N ILE B 452 -32.29 -4.78 13.26
CA ILE B 452 -30.91 -4.89 12.78
C ILE B 452 -30.45 -3.54 12.18
N LEU B 453 -31.26 -2.99 11.30
CA LEU B 453 -30.98 -1.71 10.67
C LEU B 453 -30.88 -0.61 11.67
N GLN B 454 -31.84 -0.50 12.58
CA GLN B 454 -31.81 0.58 13.55
C GLN B 454 -30.69 0.42 14.58
N MET B 455 -30.47 -0.80 15.06
CA MET B 455 -29.41 -1.07 16.00
C MET B 455 -28.06 -0.66 15.34
N THR B 456 -27.85 -1.07 14.09
CA THR B 456 -26.53 -0.82 13.49
C THR B 456 -26.34 0.69 13.17
N LYS B 457 -27.43 1.40 12.85
CA LYS B 457 -27.34 2.84 12.67
C LYS B 457 -26.95 3.53 13.96
N VAL B 458 -27.50 3.05 15.07
CA VAL B 458 -27.09 3.59 16.38
C VAL B 458 -25.63 3.29 16.68
N LEU B 459 -25.21 2.06 16.44
CA LEU B 459 -23.83 1.67 16.77
C LEU B 459 -22.78 2.48 15.96
N VAL B 460 -23.07 2.73 14.68
CA VAL B 460 -22.16 3.53 13.85
C VAL B 460 -22.03 4.95 14.45
N ARG B 461 -23.14 5.54 14.85
CA ARG B 461 -23.08 6.89 15.43
C ARG B 461 -22.38 6.91 16.80
N GLU B 462 -22.76 5.99 17.68
CA GLU B 462 -22.19 5.92 19.00
C GLU B 462 -20.68 5.58 18.97
N ALA B 463 -20.29 4.66 18.07
CA ALA B 463 -18.88 4.29 17.99
C ALA B 463 -18.12 5.56 17.51
N ALA B 464 -18.69 6.30 16.56
CA ALA B 464 -18.02 7.54 16.06
C ALA B 464 -17.92 8.64 17.12
N GLU B 465 -18.97 8.82 17.94
CA GLU B 465 -18.89 9.76 19.10
C GLU B 465 -17.77 9.33 20.02
N ALA B 466 -17.43 8.04 20.04
CA ALA B 466 -16.32 7.56 20.87
C ALA B 466 -14.96 7.50 20.17
N GLY B 467 -14.91 7.90 18.90
CA GLY B 467 -13.67 7.96 18.13
C GLY B 467 -13.32 6.73 17.33
N TYR B 468 -14.31 5.86 17.08
CA TYR B 468 -14.05 4.63 16.32
C TYR B 468 -14.83 4.68 15.02
N GLY B 469 -14.19 4.25 13.94
CA GLY B 469 -14.81 4.17 12.66
C GLY B 469 -14.76 2.74 12.19
N GLU B 470 -15.62 2.46 11.21
CA GLU B 470 -15.67 1.16 10.57
C GLU B 470 -14.72 1.06 9.39
N TYR B 471 -14.16 -0.14 9.20
CA TYR B 471 -13.23 -0.40 8.09
C TYR B 471 -13.96 -0.75 6.80
N ARG B 472 -15.21 -1.18 6.95
CA ARG B 472 -15.98 -1.82 5.89
C ARG B 472 -17.41 -1.88 6.37
N THR B 473 -18.36 -1.76 5.48
CA THR B 473 -19.77 -1.80 5.90
C THR B 473 -20.74 -2.20 4.83
N HIS B 474 -21.97 -2.42 5.31
CA HIS B 474 -23.14 -2.80 4.52
C HIS B 474 -23.70 -1.66 3.66
N ASN B 475 -24.22 -2.00 2.49
CA ASN B 475 -25.00 -1.05 1.65
C ASN B 475 -25.85 -0.06 2.41
N ALA B 476 -26.57 -0.56 3.38
CA ALA B 476 -27.55 0.18 4.22
C ALA B 476 -26.90 1.22 5.11
N LEU B 477 -25.64 1.00 5.44
CA LEU B 477 -24.93 1.90 6.32
C LEU B 477 -23.83 2.75 5.62
N MET B 478 -23.63 2.61 4.29
CA MET B 478 -22.45 3.29 3.68
C MET B 478 -22.50 4.82 3.86
N ASP B 479 -23.68 5.42 3.65
CA ASP B 479 -23.84 6.87 3.92
C ASP B 479 -23.53 7.25 5.34
N ASP B 480 -24.08 6.55 6.35
CA ASP B 480 -23.83 6.86 7.76
C ASP B 480 -22.37 6.71 8.15
N VAL B 481 -21.69 5.73 7.56
CA VAL B 481 -20.30 5.43 7.95
C VAL B 481 -19.45 6.53 7.30
N MET B 482 -19.72 6.83 6.02
CA MET B 482 -18.94 7.88 5.36
C MET B 482 -19.14 9.21 6.12
N ALA B 483 -20.34 9.42 6.68
CA ALA B 483 -20.62 10.71 7.39
C ALA B 483 -19.78 10.85 8.65
N THR B 484 -19.30 9.75 9.21
CA THR B 484 -18.42 9.79 10.38
C THR B 484 -16.99 10.25 10.08
N PHE B 485 -16.53 10.06 8.84
CA PHE B 485 -15.16 10.46 8.45
C PHE B 485 -15.11 11.91 7.96
N ASN B 486 -15.62 12.82 8.81
CA ASN B 486 -15.95 14.17 8.35
C ASN B 486 -15.05 15.25 8.95
N TRP B 487 -13.86 14.85 9.44
CA TRP B 487 -12.84 15.86 9.78
C TRP B 487 -12.76 16.98 8.73
N GLY B 488 -12.59 18.23 9.22
CA GLY B 488 -12.40 19.38 8.35
C GLY B 488 -13.59 19.67 7.48
N ASP B 489 -14.78 19.48 8.06
CA ASP B 489 -16.04 19.75 7.42
C ASP B 489 -16.28 18.86 6.16
N GLY B 490 -16.02 17.57 6.31
CA GLY B 490 -16.23 16.64 5.27
C GLY B 490 -15.24 16.73 4.16
N ALA B 491 -13.99 17.06 4.51
CA ALA B 491 -12.93 17.18 3.48
C ALA B 491 -12.75 15.91 2.62
N LEU B 492 -12.74 14.75 3.26
CA LEU B 492 -12.39 13.48 2.53
C LEU B 492 -13.46 13.17 1.50
N LEU B 493 -14.73 13.23 1.92
CA LEU B 493 -15.90 13.11 1.01
C LEU B 493 -15.92 14.06 -0.16
N LYS B 494 -15.59 15.33 0.07
CA LYS B 494 -15.58 16.30 -0.99
C LYS B 494 -14.50 15.98 -2.01
N PHE B 495 -13.36 15.48 -1.55
CA PHE B 495 -12.26 15.08 -2.44
C PHE B 495 -12.69 13.89 -3.28
N HIS B 496 -13.34 12.91 -2.64
CA HIS B 496 -13.82 11.75 -3.37
C HIS B 496 -14.87 12.09 -4.42
N GLU B 497 -15.75 13.04 -4.09
CA GLU B 497 -16.77 13.53 -5.06
C GLU B 497 -16.19 14.22 -6.25
N LYS B 498 -15.13 14.98 -6.00
CA LYS B 498 -14.47 15.69 -7.07
C LYS B 498 -13.84 14.72 -8.05
N ILE B 499 -13.21 13.69 -7.55
CA ILE B 499 -12.60 12.70 -8.40
C ILE B 499 -13.67 11.87 -9.15
N LYS B 500 -14.69 11.48 -8.42
CA LYS B 500 -15.83 10.76 -8.98
C LYS B 500 -16.44 11.53 -10.18
N ASP B 501 -16.72 12.81 -9.96
CA ASP B 501 -17.36 13.62 -10.97
C ASP B 501 -16.46 13.78 -12.19
N ALA B 502 -15.15 13.93 -11.96
CA ALA B 502 -14.21 14.00 -13.07
C ALA B 502 -14.10 12.72 -13.90
N LEU B 503 -14.03 11.56 -13.23
CA LEU B 503 -13.84 10.30 -13.97
C LEU B 503 -15.22 9.75 -14.53
N ASP B 504 -16.30 10.17 -13.91
CA ASP B 504 -17.64 9.59 -14.16
C ASP B 504 -18.64 10.74 -14.31
N PRO B 505 -18.50 11.50 -15.38
CA PRO B 505 -19.36 12.68 -15.58
C PRO B 505 -20.88 12.36 -15.73
N ASN B 506 -21.22 11.16 -16.18
CA ASN B 506 -22.58 10.73 -16.37
C ASN B 506 -23.10 9.95 -15.19
N GLY B 507 -22.29 9.73 -14.14
CA GLY B 507 -22.79 9.06 -12.89
C GLY B 507 -23.24 7.61 -13.08
N ILE B 508 -22.42 6.83 -13.79
CA ILE B 508 -22.71 5.46 -14.13
C ILE B 508 -22.27 4.43 -13.09
N ILE B 509 -21.05 4.50 -12.59
CA ILE B 509 -20.53 3.35 -11.90
C ILE B 509 -20.93 3.34 -10.40
N ALA B 510 -21.55 2.23 -9.97
CA ALA B 510 -21.97 1.95 -8.56
C ALA B 510 -22.24 3.15 -7.68
N PRO B 511 -23.23 3.95 -8.09
CA PRO B 511 -23.39 5.14 -7.32
C PRO B 511 -23.69 4.84 -5.88
N GLY B 512 -23.09 5.62 -4.98
CA GLY B 512 -23.37 5.47 -3.57
C GLY B 512 -22.43 4.54 -2.84
N LYS B 513 -21.61 3.81 -3.57
CA LYS B 513 -20.57 2.99 -2.91
C LYS B 513 -19.74 3.87 -1.97
N SER B 514 -19.68 3.47 -0.70
CA SER B 514 -18.84 4.11 0.29
C SER B 514 -19.37 5.54 0.56
N GLY B 515 -20.66 5.77 0.30
CA GLY B 515 -21.25 7.08 0.46
C GLY B 515 -20.88 8.08 -0.58
N ILE B 516 -20.29 7.62 -1.68
CA ILE B 516 -19.83 8.53 -2.69
C ILE B 516 -20.84 8.50 -3.83
N TRP B 517 -21.53 9.62 -3.98
CA TRP B 517 -22.56 9.83 -5.01
C TRP B 517 -22.09 10.85 -6.05
N SER B 518 -22.31 10.52 -7.30
CA SER B 518 -21.96 11.46 -8.35
C SER B 518 -23.01 12.62 -8.37
N GLN B 519 -22.66 13.69 -9.07
CA GLN B 519 -23.42 14.96 -9.11
C GLN B 519 -24.96 14.70 -9.32
N ARG B 520 -25.33 13.85 -10.27
CA ARG B 520 -26.79 13.70 -10.60
C ARG B 520 -27.59 13.11 -9.47
N PHE B 521 -26.93 12.56 -8.44
CA PHE B 521 -27.60 11.79 -7.34
C PHE B 521 -27.49 12.45 -6.03
N ARG B 522 -26.70 13.51 -5.91
CA ARG B 522 -26.42 14.07 -4.58
C ARG B 522 -27.61 14.84 -4.11
N GLY B 523 -27.89 14.80 -2.82
CA GLY B 523 -28.99 15.59 -2.28
C GLY B 523 -30.34 14.85 -2.30
N GLN B 524 -30.33 13.59 -2.71
CA GLN B 524 -31.51 12.80 -2.89
C GLN B 524 -31.63 11.77 -1.73
N ASN B 525 -32.76 11.07 -1.66
CA ASN B 525 -33.00 10.07 -0.65
C ASN B 525 -33.10 8.73 -1.40
N LEU B 526 -31.93 8.15 -1.62
CA LEU B 526 -31.74 6.89 -2.27
C LEU B 526 -31.00 5.95 -1.29
#